data_9MFM
#
_entry.id   9MFM
#
_cell.length_a   1.00
_cell.length_b   1.00
_cell.length_c   1.00
_cell.angle_alpha   90.00
_cell.angle_beta   90.00
_cell.angle_gamma   90.00
#
_symmetry.space_group_name_H-M   'P 1'
#
loop_
_entity.id
_entity.type
_entity.pdbx_description
1 polymer 'Proton channel OTOP1'
2 non-polymer 'CHOLESTEROL HEMISUCCINATE'
3 non-polymer CHOLESTEROL
4 non-polymer 4-[(4R)-5H,11H-[1,2,4]triazolo[3,4-c][1,4]benzoxazepin-3-yl]phenol
#
_entity_poly.entity_id   1
_entity_poly.type   'polypeptide(L)'
_entity_poly.pdbx_seq_one_letter_code
;GPVEHGGTDSMWLNKYNPAAASSASSSSSSDAENKLFSRLKVSLTKKYPQKNAELLSAQYGTNLLLLGVSVMLALAAQSG
PVKEEHLLSFITVLMLVQLVWMLCYMIRRERERSPVPERDAHAGASWIRGGLTMLALLSLIMDAFRIGYFVGYHSCISAA
LGVYPIVHALHTISQVHFLWFHIKDVIKKYETFERFGVIHAVFTNLLLWCNGVMSETEHFMHNHRRRLIEMGYANLSTVD
VQPHCNCTTSVCSMFSTSLYYLYPFNIEYHIFVSAMLFVMWKNIGRTLDRHSNRKRRSTGSTGLLLGPLGGLVALASSVS
VLVVYLIHLEKTEEMHEAAVSMFYYYGVAMMACMCVGSGTGLLVYRMENRPMDTGSNPARTLDTELLLASSLGSWLMSWC
SVVASVAEAGQKSPSFSWTSLTYSLLLVLEKCIQNLFIVESLYRRHSEEEEDAAAPQVFSVAVPPYDGILNHGYEAHDKH
REAEPAAGSHALSRKQPDAPLPAGQRLDVTPGRKRQILKNICMFLFMCNISLWILPAFGCRPQYDNPLENETFGTSVWTT
VLNVAIPLNLFYRMHSVASLFEVFRKV
;
_entity_poly.pdbx_strand_id   A,B
#
# COMPACT_ATOMS: atom_id res chain seq x y z
N LYS A 47 8.72 -6.74 -29.41
CA LYS A 47 8.15 -8.00 -29.86
C LYS A 47 7.75 -8.85 -28.66
N TYR A 48 7.09 -8.22 -27.69
CA TYR A 48 6.61 -8.88 -26.48
C TYR A 48 5.11 -9.15 -26.56
N PRO A 49 4.60 -10.25 -26.01
CA PRO A 49 3.14 -10.37 -25.84
C PRO A 49 2.65 -9.26 -24.93
N GLN A 50 1.40 -8.83 -25.16
CA GLN A 50 0.85 -7.75 -24.34
C GLN A 50 0.85 -8.11 -22.86
N LYS A 51 0.59 -9.39 -22.54
CA LYS A 51 0.55 -9.76 -21.13
C LYS A 51 1.94 -9.65 -20.51
N ASN A 52 2.97 -9.97 -21.30
CA ASN A 52 4.32 -9.88 -20.80
C ASN A 52 4.77 -8.43 -20.78
N ALA A 53 4.33 -7.62 -21.75
CA ALA A 53 4.71 -6.22 -21.75
C ALA A 53 4.16 -5.54 -20.50
N GLU A 54 2.92 -5.87 -20.14
CA GLU A 54 2.30 -5.25 -18.97
C GLU A 54 2.93 -5.77 -17.68
N LEU A 55 3.21 -7.07 -17.59
CA LEU A 55 3.81 -7.56 -16.35
C LEU A 55 5.25 -7.09 -16.22
N LEU A 56 6.02 -7.10 -17.30
CA LEU A 56 7.41 -6.69 -17.19
C LEU A 56 7.49 -5.21 -16.84
N SER A 57 6.60 -4.39 -17.40
CA SER A 57 6.60 -2.97 -17.06
C SER A 57 6.23 -2.79 -15.60
N ALA A 58 5.23 -3.55 -15.13
CA ALA A 58 4.83 -3.45 -13.72
C ALA A 58 5.95 -3.86 -12.80
N GLN A 59 6.71 -4.91 -13.17
CA GLN A 59 7.80 -5.36 -12.31
C GLN A 59 8.92 -4.35 -12.29
N TYR A 60 9.23 -3.74 -13.43
CA TYR A 60 10.23 -2.68 -13.46
C TYR A 60 9.84 -1.54 -12.54
N GLY A 61 8.59 -1.06 -12.69
CA GLY A 61 8.14 0.05 -11.87
C GLY A 61 8.09 -0.27 -10.39
N THR A 62 7.65 -1.47 -10.04
CA THR A 62 7.53 -1.79 -8.63
C THR A 62 8.90 -2.01 -8.03
N ASN A 63 9.88 -2.54 -8.78
CA ASN A 63 11.21 -2.66 -8.20
C ASN A 63 11.87 -1.30 -8.14
N LEU A 64 11.42 -0.36 -8.98
CA LEU A 64 11.89 1.01 -8.87
C LEU A 64 11.39 1.65 -7.59
N LEU A 65 10.12 1.39 -7.27
CA LEU A 65 9.56 1.90 -6.02
C LEU A 65 10.24 1.24 -4.83
N LEU A 66 10.43 -0.08 -4.88
CA LEU A 66 11.03 -0.77 -3.73
C LEU A 66 12.47 -0.33 -3.54
N LEU A 67 13.17 0.01 -4.64
CA LEU A 67 14.50 0.59 -4.50
C LEU A 67 14.43 1.94 -3.82
N GLY A 68 13.47 2.78 -4.22
CA GLY A 68 13.31 4.06 -3.53
C GLY A 68 12.99 3.87 -2.07
N VAL A 69 12.20 2.82 -1.76
CA VAL A 69 11.87 2.51 -0.38
C VAL A 69 13.13 2.13 0.38
N SER A 70 13.96 1.30 -0.24
CA SER A 70 15.20 0.88 0.38
C SER A 70 16.08 2.08 0.70
N VAL A 71 16.16 3.02 -0.25
CA VAL A 71 17.00 4.20 -0.03
C VAL A 71 16.42 5.05 1.11
N MET A 72 15.10 5.25 1.13
CA MET A 72 14.51 6.05 2.22
C MET A 72 14.71 5.39 3.58
N LEU A 73 14.49 4.08 3.69
CA LEU A 73 14.78 3.39 4.96
C LEU A 73 16.25 3.57 5.34
N ALA A 74 17.15 3.38 4.38
CA ALA A 74 18.58 3.48 4.66
C ALA A 74 18.93 4.88 5.15
N LEU A 75 18.25 5.88 4.57
CA LEU A 75 18.46 7.28 4.93
C LEU A 75 18.01 7.58 6.35
N ALA A 76 16.81 7.14 6.71
CA ALA A 76 16.31 7.42 8.05
C ALA A 76 17.15 6.74 9.13
N ALA A 77 17.63 5.54 8.86
CA ALA A 77 18.44 4.83 9.84
C ALA A 77 19.85 5.41 9.90
N PRO A 81 25.70 6.06 6.46
CA PRO A 81 25.75 5.21 5.28
C PRO A 81 25.07 5.84 4.07
N VAL A 82 23.81 6.22 4.22
CA VAL A 82 23.02 6.88 3.17
C VAL A 82 22.60 8.24 3.72
N LYS A 83 22.96 9.30 3.01
CA LYS A 83 22.67 10.67 3.40
C LYS A 83 21.63 11.25 2.45
N GLU A 84 21.11 12.42 2.83
CA GLU A 84 20.09 13.10 2.04
C GLU A 84 20.53 13.27 0.59
N GLU A 85 21.82 13.55 0.38
CA GLU A 85 22.33 13.72 -0.97
C GLU A 85 22.16 12.45 -1.79
N HIS A 86 22.22 11.28 -1.16
CA HIS A 86 22.08 10.04 -1.92
C HIS A 86 20.66 9.82 -2.40
N LEU A 87 19.67 10.15 -1.56
CA LEU A 87 18.28 10.03 -1.99
C LEU A 87 17.95 11.07 -3.05
N LEU A 88 18.42 12.30 -2.84
CA LEU A 88 18.16 13.34 -3.82
C LEU A 88 18.83 13.00 -5.14
N SER A 89 20.04 12.45 -5.10
CA SER A 89 20.73 12.06 -6.31
C SER A 89 19.99 10.94 -7.03
N PHE A 90 19.51 9.95 -6.28
CA PHE A 90 18.76 8.84 -6.86
C PHE A 90 17.52 9.34 -7.59
N ILE A 91 16.72 10.18 -6.92
CA ILE A 91 15.50 10.65 -7.57
C ILE A 91 15.83 11.63 -8.69
N THR A 92 16.92 12.41 -8.54
CA THR A 92 17.35 13.30 -9.61
C THR A 92 17.67 12.51 -10.87
N VAL A 93 18.38 11.39 -10.70
CA VAL A 93 18.69 10.54 -11.85
C VAL A 93 17.41 10.00 -12.45
N LEU A 94 16.46 9.58 -11.62
CA LEU A 94 15.22 9.04 -12.18
C LEU A 94 14.47 10.12 -12.97
N MET A 95 14.52 11.36 -12.49
CA MET A 95 13.88 12.44 -13.23
C MET A 95 14.60 12.66 -14.56
N LEU A 96 15.93 12.56 -14.55
CA LEU A 96 16.68 12.72 -15.80
C LEU A 96 16.32 11.62 -16.79
N VAL A 97 16.11 10.41 -16.29
CA VAL A 97 15.71 9.31 -17.16
C VAL A 97 14.34 9.59 -17.75
N GLN A 98 13.40 10.06 -16.92
CA GLN A 98 12.07 10.35 -17.43
C GLN A 98 12.14 11.47 -18.46
N LEU A 99 12.99 12.47 -18.23
CA LEU A 99 13.15 13.56 -19.20
C LEU A 99 13.67 13.02 -20.53
N VAL A 100 14.61 12.09 -20.48
CA VAL A 100 15.12 11.50 -21.72
C VAL A 100 14.01 10.74 -22.43
N TRP A 101 13.21 9.98 -21.68
CA TRP A 101 12.10 9.27 -22.29
C TRP A 101 11.13 10.24 -22.94
N MET A 102 10.77 11.31 -22.23
CA MET A 102 9.81 12.27 -22.77
C MET A 102 10.34 12.92 -24.05
N LEU A 103 11.64 13.26 -24.07
CA LEU A 103 12.18 13.87 -25.28
C LEU A 103 12.16 12.89 -26.44
N CYS A 104 12.54 11.63 -26.20
CA CYS A 104 12.56 10.65 -27.28
C CYS A 104 11.13 10.40 -27.79
N TYR A 105 10.18 10.31 -26.85
CA TYR A 105 8.79 10.08 -27.21
C TYR A 105 8.26 11.23 -28.07
N MET A 106 8.51 12.47 -27.65
CA MET A 106 8.03 13.62 -28.42
C MET A 106 8.69 13.64 -29.80
N ILE A 107 9.95 13.25 -29.89
CA ILE A 107 10.61 13.20 -31.20
C ILE A 107 9.92 12.17 -32.08
N ARG A 108 9.62 10.99 -31.51
CA ARG A 108 8.92 9.96 -32.27
C ARG A 108 7.54 10.41 -32.71
N ARG A 109 6.83 11.14 -31.85
CA ARG A 109 5.49 11.60 -32.19
C ARG A 109 5.54 12.72 -33.22
N GLU A 110 6.52 13.61 -33.12
CA GLU A 110 6.65 14.71 -34.07
C GLU A 110 7.23 14.21 -35.38
N GLY A 124 -14.46 17.01 -21.28
CA GLY A 124 -14.75 17.58 -19.98
C GLY A 124 -13.63 17.38 -18.99
N ALA A 125 -12.39 17.47 -19.47
CA ALA A 125 -11.20 17.31 -18.65
C ALA A 125 -10.56 18.64 -18.26
N SER A 126 -11.26 19.76 -18.46
CA SER A 126 -10.68 21.06 -18.15
C SER A 126 -10.38 21.20 -16.66
N TRP A 127 -11.13 20.51 -15.81
CA TRP A 127 -10.87 20.57 -14.38
C TRP A 127 -9.55 19.87 -14.04
N ILE A 128 -9.15 18.88 -14.84
CA ILE A 128 -7.98 18.08 -14.57
C ILE A 128 -6.75 18.76 -15.15
N ARG A 129 -6.92 19.35 -16.32
CA ARG A 129 -5.82 20.06 -16.96
C ARG A 129 -5.52 21.32 -16.16
N GLY A 130 -6.57 22.02 -15.69
CA GLY A 130 -6.29 23.19 -14.88
C GLY A 130 -5.82 22.79 -13.50
N GLY A 131 -6.10 21.55 -13.09
CA GLY A 131 -5.68 21.02 -11.81
C GLY A 131 -4.18 20.99 -11.81
N LEU A 132 -3.62 20.11 -12.64
CA LEU A 132 -2.18 19.99 -12.59
C LEU A 132 -1.45 21.22 -13.12
N THR A 133 -2.04 22.03 -14.01
CA THR A 133 -1.30 23.22 -14.43
C THR A 133 -1.13 24.19 -13.26
N MET A 134 -2.15 24.33 -12.40
CA MET A 134 -1.98 25.19 -11.23
C MET A 134 -1.00 24.59 -10.23
N LEU A 135 -1.08 23.27 -10.00
CA LEU A 135 -0.19 22.74 -8.96
C LEU A 135 1.24 22.67 -9.48
N ALA A 136 1.43 22.66 -10.80
CA ALA A 136 2.77 22.66 -11.35
C ALA A 136 3.34 24.06 -11.35
N LEU A 137 2.51 25.07 -11.66
CA LEU A 137 2.99 26.44 -11.51
C LEU A 137 3.39 26.73 -10.08
N LEU A 138 2.61 26.22 -9.11
CA LEU A 138 2.96 26.43 -7.70
C LEU A 138 4.26 25.72 -7.35
N SER A 139 4.47 24.53 -7.92
CA SER A 139 5.72 23.80 -7.70
C SER A 139 6.90 24.55 -8.30
N LEU A 140 6.71 25.14 -9.49
CA LEU A 140 7.79 25.88 -10.12
C LEU A 140 8.12 27.11 -9.30
N ILE A 141 7.10 27.73 -8.70
CA ILE A 141 7.35 28.88 -7.84
C ILE A 141 8.17 28.43 -6.63
N MET A 142 7.79 27.29 -6.04
CA MET A 142 8.53 26.75 -4.91
C MET A 142 10.00 26.52 -5.28
N ASP A 143 10.21 25.89 -6.44
CA ASP A 143 11.59 25.67 -6.91
C ASP A 143 12.29 27.01 -7.04
N ALA A 144 11.66 27.98 -7.70
CA ALA A 144 12.29 29.28 -7.94
C ALA A 144 12.78 29.87 -6.63
N PHE A 145 12.01 29.67 -5.56
CA PHE A 145 12.42 30.16 -4.23
C PHE A 145 13.60 29.37 -3.70
N ARG A 146 13.62 28.05 -3.93
CA ARG A 146 14.73 27.24 -3.43
C ARG A 146 16.03 27.54 -4.17
N ILE A 147 15.94 27.79 -5.47
CA ILE A 147 17.13 28.03 -6.27
C ILE A 147 17.77 29.36 -5.88
N GLY A 148 16.96 30.41 -5.76
CA GLY A 148 17.46 31.72 -5.40
C GLY A 148 17.84 31.81 -3.93
N SER A 158 25.18 21.37 -0.52
CA SER A 158 25.70 20.19 -1.20
C SER A 158 25.32 20.20 -2.67
N ALA A 159 26.03 19.38 -3.46
CA ALA A 159 25.77 19.34 -4.90
C ALA A 159 24.36 18.85 -5.20
N ALA A 160 23.88 17.86 -4.44
CA ALA A 160 22.55 17.31 -4.70
C ALA A 160 21.48 18.36 -4.47
N LEU A 161 21.65 19.18 -3.44
CA LEU A 161 20.67 20.24 -3.17
C LEU A 161 20.73 21.31 -4.25
N GLY A 162 21.92 21.64 -4.72
CA GLY A 162 22.06 22.64 -5.76
C GLY A 162 21.50 22.20 -7.10
N VAL A 163 21.61 20.92 -7.43
CA VAL A 163 21.18 20.41 -8.73
C VAL A 163 19.72 19.98 -8.75
N TYR A 164 19.24 19.27 -7.71
CA TYR A 164 17.87 18.75 -7.69
C TYR A 164 16.79 19.74 -8.12
N PRO A 165 16.75 20.99 -7.63
CA PRO A 165 15.67 21.89 -8.07
C PRO A 165 15.70 22.23 -9.56
N ILE A 166 16.83 22.05 -10.24
CA ILE A 166 16.91 22.37 -11.66
C ILE A 166 16.29 21.23 -12.45
N VAL A 167 16.70 20.01 -12.10
CA VAL A 167 16.19 18.83 -12.78
C VAL A 167 14.70 18.72 -12.48
N HIS A 168 14.33 19.02 -11.24
CA HIS A 168 12.94 19.00 -10.81
C HIS A 168 12.10 20.00 -11.59
N ALA A 169 12.60 21.22 -11.77
CA ALA A 169 11.85 22.21 -12.54
C ALA A 169 11.68 21.75 -13.99
N LEU A 170 12.73 21.16 -14.56
CA LEU A 170 12.64 20.69 -15.94
C LEU A 170 11.67 19.53 -16.02
N HIS A 171 11.68 18.67 -15.00
CA HIS A 171 10.78 17.53 -14.94
C HIS A 171 9.34 18.02 -14.90
N THR A 172 9.05 19.01 -14.06
CA THR A 172 7.70 19.53 -13.96
C THR A 172 7.24 20.16 -15.27
N ILE A 173 8.12 20.93 -15.92
CA ILE A 173 7.78 21.58 -17.17
C ILE A 173 7.50 20.55 -18.27
N SER A 174 8.38 19.54 -18.38
CA SER A 174 8.14 18.54 -19.41
C SER A 174 6.95 17.67 -19.07
N GLN A 175 6.72 17.41 -17.79
CA GLN A 175 5.60 16.57 -17.39
C GLN A 175 4.28 17.24 -17.75
N VAL A 176 4.19 18.56 -17.55
CA VAL A 176 2.96 19.25 -17.91
C VAL A 176 2.83 19.35 -19.42
N HIS A 177 3.93 19.68 -20.12
CA HIS A 177 3.89 19.77 -21.58
C HIS A 177 3.37 18.47 -22.19
N PHE A 178 3.93 17.35 -21.73
CA PHE A 178 3.54 16.03 -22.20
C PHE A 178 2.08 15.73 -21.89
N LEU A 179 1.67 15.93 -20.64
CA LEU A 179 0.30 15.61 -20.26
C LEU A 179 -0.71 16.49 -20.98
N TRP A 180 -0.39 17.77 -21.18
CA TRP A 180 -1.32 18.65 -21.88
C TRP A 180 -1.46 18.25 -23.35
N PHE A 181 -0.33 18.08 -24.06
CA PHE A 181 -0.36 17.90 -25.52
C PHE A 181 -0.12 16.49 -26.01
N HIS A 182 0.62 15.64 -25.30
CA HIS A 182 1.01 14.33 -25.81
C HIS A 182 0.49 13.18 -24.95
N ILE A 183 -0.54 13.39 -24.14
CA ILE A 183 -1.07 12.33 -23.31
C ILE A 183 -1.70 11.25 -24.18
N TYR A 190 -0.12 -1.17 -27.71
CA TYR A 190 0.87 -0.10 -27.67
C TYR A 190 2.26 -0.71 -27.60
N GLU A 191 3.28 0.10 -27.89
CA GLU A 191 4.65 -0.38 -27.79
C GLU A 191 5.06 -0.57 -26.33
N THR A 192 6.08 -1.41 -26.13
CA THR A 192 6.64 -1.62 -24.80
C THR A 192 7.34 -0.37 -24.32
N PHE A 193 7.91 0.42 -25.25
CA PHE A 193 8.58 1.67 -24.93
C PHE A 193 7.66 2.58 -24.13
N GLU A 194 6.43 2.77 -24.61
CA GLU A 194 5.47 3.64 -23.96
C GLU A 194 5.06 3.09 -22.60
N ARG A 195 4.88 1.76 -22.48
CA ARG A 195 4.49 1.21 -21.18
C ARG A 195 5.60 1.37 -20.16
N PHE A 196 6.86 1.17 -20.55
CA PHE A 196 7.91 1.34 -19.56
C PHE A 196 8.05 2.80 -19.19
N GLY A 197 7.89 3.67 -20.18
CA GLY A 197 7.99 5.10 -19.94
C GLY A 197 6.95 5.59 -18.94
N VAL A 198 5.69 5.22 -19.16
CA VAL A 198 4.63 5.71 -18.29
C VAL A 198 4.72 5.06 -16.92
N ILE A 199 5.12 3.78 -16.83
CA ILE A 199 5.24 3.19 -15.50
C ILE A 199 6.38 3.85 -14.74
N HIS A 200 7.49 4.13 -15.44
CA HIS A 200 8.58 4.87 -14.83
C HIS A 200 8.08 6.19 -14.29
N ALA A 201 7.32 6.93 -15.11
CA ALA A 201 6.80 8.22 -14.67
C ALA A 201 5.88 8.07 -13.46
N VAL A 202 5.08 6.99 -13.42
CA VAL A 202 4.17 6.78 -12.29
C VAL A 202 4.97 6.61 -11.01
N PHE A 203 6.05 5.82 -11.07
CA PHE A 203 6.77 5.55 -9.83
C PHE A 203 7.81 6.63 -9.54
N THR A 204 8.18 7.42 -10.53
CA THR A 204 9.04 8.57 -10.30
C THR A 204 8.24 9.63 -9.55
N ASN A 205 7.00 9.84 -9.97
CA ASN A 205 6.17 10.83 -9.30
C ASN A 205 5.71 10.31 -7.95
N LEU A 206 5.53 8.99 -7.82
CA LEU A 206 5.17 8.46 -6.51
C LEU A 206 6.34 8.63 -5.54
N LEU A 207 7.57 8.40 -6.01
CA LEU A 207 8.73 8.61 -5.17
C LEU A 207 8.92 10.08 -4.84
N LEU A 208 8.60 10.96 -5.79
CA LEU A 208 8.67 12.39 -5.52
C LEU A 208 7.65 12.80 -4.46
N TRP A 209 6.45 12.20 -4.49
CA TRP A 209 5.50 12.43 -3.41
C TRP A 209 6.13 11.99 -2.10
N CYS A 210 6.58 10.73 -2.05
CA CYS A 210 7.13 10.17 -0.82
C CYS A 210 8.26 11.02 -0.28
N ASN A 211 9.10 11.57 -1.16
CA ASN A 211 10.19 12.40 -0.69
C ASN A 211 9.67 13.74 -0.18
N GLY A 212 8.70 14.33 -0.88
CA GLY A 212 8.14 15.59 -0.42
C GLY A 212 7.53 15.46 0.95
N VAL A 213 6.95 14.29 1.24
CA VAL A 213 6.30 14.04 2.53
C VAL A 213 7.32 13.73 3.62
N MET A 214 8.29 12.85 3.36
CA MET A 214 9.23 12.46 4.41
C MET A 214 10.23 13.57 4.69
N SER A 215 10.74 14.21 3.66
CA SER A 215 11.75 15.26 3.81
C SER A 215 11.09 16.64 3.78
N SER A 256 13.12 30.73 2.90
CA SER A 256 12.21 31.78 3.31
C SER A 256 10.95 31.18 3.95
N THR A 257 9.84 31.92 3.93
CA THR A 257 8.59 31.48 4.51
C THR A 257 7.56 31.06 3.48
N SER A 258 7.78 31.37 2.19
CA SER A 258 6.83 31.00 1.16
C SER A 258 6.81 29.51 0.90
N LEU A 259 7.83 28.77 1.32
CA LEU A 259 7.87 27.34 1.09
C LEU A 259 6.87 26.61 1.98
N TYR A 260 6.45 27.24 3.07
CA TYR A 260 5.43 26.66 3.95
C TYR A 260 4.09 26.58 3.24
N TYR A 261 3.63 27.70 2.68
CA TYR A 261 2.29 27.76 2.12
C TYR A 261 2.16 26.91 0.86
N LEU A 262 3.23 26.74 0.09
CA LEU A 262 3.17 25.97 -1.14
C LEU A 262 3.39 24.47 -0.93
N TYR A 263 3.76 24.05 0.27
CA TYR A 263 4.12 22.66 0.55
C TYR A 263 3.03 21.67 0.15
N PRO A 264 1.77 21.84 0.58
CA PRO A 264 0.75 20.86 0.21
C PRO A 264 0.45 20.83 -1.26
N PHE A 265 0.83 21.86 -2.00
CA PHE A 265 0.45 21.91 -3.41
C PHE A 265 1.47 21.19 -4.25
N ASN A 266 2.72 21.17 -3.81
CA ASN A 266 3.74 20.41 -4.51
C ASN A 266 3.55 18.93 -4.21
N ILE A 267 3.16 18.62 -2.97
CA ILE A 267 2.95 17.23 -2.63
C ILE A 267 1.71 16.69 -3.35
N GLU A 268 0.60 17.45 -3.32
CA GLU A 268 -0.54 16.90 -4.05
C GLU A 268 -0.26 16.91 -5.55
N TYR A 269 0.65 17.76 -6.04
CA TYR A 269 0.99 17.71 -7.45
C TYR A 269 1.56 16.32 -7.73
N HIS A 270 2.43 15.84 -6.84
CA HIS A 270 3.16 14.61 -7.13
C HIS A 270 2.38 13.36 -6.77
N ILE A 271 1.16 13.50 -6.28
CA ILE A 271 0.27 12.36 -6.07
C ILE A 271 -0.85 12.38 -7.11
N PHE A 272 -1.32 13.58 -7.47
CA PHE A 272 -2.24 13.76 -8.57
C PHE A 272 -1.62 13.23 -9.86
N VAL A 273 -0.41 13.67 -10.19
CA VAL A 273 0.17 13.29 -11.48
C VAL A 273 0.44 11.79 -11.51
N SER A 274 0.87 11.22 -10.37
CA SER A 274 1.08 9.78 -10.30
C SER A 274 -0.22 9.03 -10.58
N ALA A 275 -1.34 9.54 -10.07
CA ALA A 275 -2.62 8.90 -10.34
C ALA A 275 -3.00 9.11 -11.80
N MET A 276 -2.77 10.33 -12.29
CA MET A 276 -3.11 10.72 -13.65
C MET A 276 -2.41 9.82 -14.65
N LEU A 277 -1.19 9.41 -14.33
CA LEU A 277 -0.40 8.51 -15.16
C LEU A 277 -0.80 7.05 -14.97
N PHE A 278 -1.20 6.64 -13.77
CA PHE A 278 -1.54 5.22 -13.59
C PHE A 278 -2.89 4.93 -14.22
N VAL A 279 -3.89 5.77 -13.94
CA VAL A 279 -5.24 5.48 -14.39
C VAL A 279 -5.33 5.55 -15.91
N MET A 280 -4.44 6.34 -16.54
CA MET A 280 -4.38 6.39 -17.99
C MET A 280 -4.20 5.00 -18.58
N TRP A 281 -3.34 4.19 -17.95
CA TRP A 281 -3.07 2.84 -18.46
C TRP A 281 -4.02 1.83 -17.84
N LYS A 282 -4.61 2.15 -16.70
CA LYS A 282 -5.64 1.28 -16.15
C LYS A 282 -6.84 1.22 -17.08
N ASN A 283 -7.21 2.37 -17.66
CA ASN A 283 -8.31 2.38 -18.62
C ASN A 283 -7.92 1.68 -19.92
N ILE A 284 -6.74 2.02 -20.45
CA ILE A 284 -6.27 1.49 -21.73
C ILE A 284 -6.16 -0.03 -21.62
N GLY A 303 -36.24 27.95 -7.45
CA GLY A 303 -36.05 26.59 -6.95
C GLY A 303 -34.77 26.44 -6.14
N LEU A 304 -33.65 26.81 -6.75
CA LEU A 304 -32.33 26.64 -6.13
C LEU A 304 -32.09 27.83 -5.19
N LEU A 305 -32.78 27.80 -4.05
CA LEU A 305 -32.70 28.87 -3.06
C LEU A 305 -31.79 28.53 -1.88
N LEU A 306 -32.09 27.45 -1.15
CA LEU A 306 -31.40 27.20 0.12
C LEU A 306 -29.97 26.71 -0.09
N GLY A 307 -29.72 25.98 -1.16
CA GLY A 307 -28.41 25.45 -1.47
C GLY A 307 -27.34 26.51 -1.52
N PRO A 308 -27.43 27.42 -2.50
CA PRO A 308 -26.41 28.47 -2.60
C PRO A 308 -26.41 29.44 -1.44
N LEU A 309 -27.53 29.62 -0.73
CA LEU A 309 -27.47 30.51 0.43
C LEU A 309 -26.64 29.89 1.54
N GLY A 310 -26.83 28.59 1.79
CA GLY A 310 -26.02 27.93 2.80
C GLY A 310 -24.57 27.90 2.36
N GLY A 311 -24.36 27.71 1.07
CA GLY A 311 -23.00 27.68 0.54
C GLY A 311 -22.28 28.99 0.74
N LEU A 312 -22.93 30.10 0.36
CA LEU A 312 -22.32 31.42 0.52
C LEU A 312 -22.05 31.74 1.98
N VAL A 313 -22.96 31.33 2.87
CA VAL A 313 -22.70 31.58 4.29
C VAL A 313 -21.48 30.79 4.75
N ALA A 314 -21.41 29.52 4.36
CA ALA A 314 -20.26 28.68 4.72
C ALA A 314 -18.97 29.27 4.18
N LEU A 315 -19.01 29.82 2.97
CA LEU A 315 -17.81 30.39 2.37
C LEU A 315 -17.38 31.67 3.07
N ALA A 316 -18.33 32.55 3.39
CA ALA A 316 -17.96 33.78 4.09
C ALA A 316 -17.40 33.44 5.46
N SER A 317 -17.95 32.42 6.11
CA SER A 317 -17.47 32.05 7.43
C SER A 317 -16.09 31.42 7.34
N SER A 318 -15.86 30.59 6.31
CA SER A 318 -14.55 30.00 6.12
C SER A 318 -13.49 31.07 5.88
N VAL A 319 -13.82 32.07 5.06
CA VAL A 319 -12.85 33.15 4.81
C VAL A 319 -12.57 33.91 6.10
N SER A 320 -13.62 34.18 6.88
CA SER A 320 -13.40 34.86 8.16
C SER A 320 -12.49 34.05 9.08
N VAL A 321 -12.73 32.73 9.16
CA VAL A 321 -11.89 31.87 10.00
C VAL A 321 -10.45 31.88 9.50
N LEU A 322 -10.26 31.80 8.19
CA LEU A 322 -8.93 31.80 7.59
C LEU A 322 -8.18 33.08 7.93
N VAL A 323 -8.81 34.24 7.74
CA VAL A 323 -8.08 35.48 7.95
C VAL A 323 -7.85 35.71 9.44
N VAL A 324 -8.84 35.40 10.29
CA VAL A 324 -8.65 35.61 11.72
C VAL A 324 -7.51 34.71 12.22
N TYR A 325 -7.49 33.45 11.77
CA TYR A 325 -6.42 32.54 12.16
C TYR A 325 -5.06 33.08 11.74
N LEU A 326 -4.92 33.50 10.49
CA LEU A 326 -3.61 33.97 10.02
C LEU A 326 -3.19 35.25 10.72
N ILE A 327 -4.13 36.15 10.99
CA ILE A 327 -3.79 37.43 11.65
C ILE A 327 -3.19 37.18 13.02
N HIS A 328 -3.72 36.22 13.77
CA HIS A 328 -3.27 35.94 15.12
C HIS A 328 -2.16 34.89 15.18
N LEU A 329 -1.58 34.50 14.05
CA LEU A 329 -0.50 33.51 14.05
C LEU A 329 0.70 34.08 14.81
N HIS A 336 -4.14 33.10 19.73
CA HIS A 336 -3.79 31.99 18.87
C HIS A 336 -4.63 30.76 19.22
N GLU A 337 -4.68 30.44 20.51
CA GLU A 337 -5.46 29.29 20.97
C GLU A 337 -6.94 29.48 20.66
N ALA A 338 -7.43 30.71 20.83
CA ALA A 338 -8.83 30.99 20.53
C ALA A 338 -9.12 30.73 19.06
N ALA A 339 -8.20 31.11 18.17
CA ALA A 339 -8.42 30.87 16.76
C ALA A 339 -8.46 29.38 16.45
N VAL A 340 -7.66 28.59 17.16
CA VAL A 340 -7.67 27.14 16.94
C VAL A 340 -9.00 26.55 17.41
N SER A 341 -9.49 26.98 18.57
CA SER A 341 -10.77 26.46 19.03
C SER A 341 -11.88 26.88 18.07
N MET A 342 -11.83 28.12 17.60
CA MET A 342 -12.80 28.62 16.63
C MET A 342 -12.79 27.74 15.39
N PHE A 343 -11.58 27.44 14.89
CA PHE A 343 -11.42 26.57 13.73
C PHE A 343 -12.06 25.21 13.96
N TYR A 344 -11.79 24.57 15.10
CA TYR A 344 -12.37 23.25 15.31
C TYR A 344 -13.88 23.29 15.48
N TYR A 345 -14.43 24.31 16.14
CA TYR A 345 -15.89 24.36 16.28
C TYR A 345 -16.53 24.63 14.93
N TYR A 346 -15.91 25.48 14.11
CA TYR A 346 -16.41 25.76 12.78
C TYR A 346 -16.38 24.50 11.94
N GLY A 347 -15.27 23.77 12.01
CA GLY A 347 -15.15 22.53 11.28
C GLY A 347 -16.26 21.57 11.64
N VAL A 348 -16.50 21.36 12.95
CA VAL A 348 -17.55 20.43 13.38
C VAL A 348 -18.90 20.87 12.84
N ALA A 349 -19.18 22.18 12.92
CA ALA A 349 -20.47 22.68 12.42
C ALA A 349 -20.64 22.39 10.93
N MET A 350 -19.57 22.57 10.15
CA MET A 350 -19.68 22.31 8.73
C MET A 350 -19.78 20.82 8.45
N MET A 351 -19.05 20.01 9.20
CA MET A 351 -19.07 18.59 8.88
C MET A 351 -20.46 18.03 9.18
N ALA A 352 -21.09 18.52 10.26
CA ALA A 352 -22.44 18.07 10.60
C ALA A 352 -23.43 18.51 9.53
N CYS A 353 -23.28 19.74 9.03
CA CYS A 353 -24.22 20.18 8.00
C CYS A 353 -24.04 19.36 6.73
N MET A 354 -22.79 19.02 6.37
CA MET A 354 -22.58 18.21 5.18
C MET A 354 -23.17 16.81 5.39
N CYS A 355 -23.04 16.25 6.60
CA CYS A 355 -23.63 14.94 6.86
C CYS A 355 -25.13 14.98 6.64
N VAL A 356 -25.78 16.07 7.09
CA VAL A 356 -27.22 16.18 6.90
C VAL A 356 -27.55 16.31 5.42
N GLY A 357 -26.81 17.15 4.70
CA GLY A 357 -27.06 17.33 3.27
C GLY A 357 -26.94 16.04 2.49
N SER A 358 -25.81 15.35 2.64
CA SER A 358 -25.59 14.11 1.91
C SER A 358 -26.59 13.04 2.34
N GLY A 359 -26.88 12.95 3.64
CA GLY A 359 -27.85 11.97 4.09
C GLY A 359 -29.21 12.21 3.48
N THR A 360 -29.61 13.49 3.38
CA THR A 360 -30.89 13.82 2.77
C THR A 360 -30.90 13.40 1.31
N GLY A 361 -29.80 13.66 0.60
CA GLY A 361 -29.73 13.27 -0.80
C GLY A 361 -29.84 11.77 -0.96
N LEU A 362 -29.19 11.03 -0.05
CA LEU A 362 -29.27 9.58 -0.11
C LEU A 362 -30.69 9.10 0.17
N LEU A 363 -31.39 9.75 1.10
CA LEU A 363 -32.77 9.38 1.37
C LEU A 363 -33.64 9.64 0.15
N VAL A 364 -33.38 10.73 -0.56
CA VAL A 364 -34.16 11.03 -1.76
C VAL A 364 -33.93 9.94 -2.81
N TYR A 365 -32.67 9.54 -2.99
CA TYR A 365 -32.36 8.50 -3.96
C TYR A 365 -32.94 7.15 -3.58
N ARG A 366 -32.99 6.83 -2.28
CA ARG A 366 -33.52 5.56 -1.83
C ARG A 366 -35.05 5.51 -1.87
N MET A 367 -35.72 6.63 -1.58
CA MET A 367 -37.18 6.63 -1.64
C MET A 367 -37.67 6.57 -3.08
N GLU A 368 -36.93 7.14 -4.02
CA GLU A 368 -37.36 7.14 -5.42
C GLU A 368 -37.25 5.75 -6.01
N ARG A 380 -17.03 5.03 -14.56
CA ARG A 380 -17.08 5.84 -13.35
C ARG A 380 -16.34 5.17 -12.18
N THR A 381 -15.73 4.02 -12.43
CA THR A 381 -14.99 3.31 -11.38
C THR A 381 -13.85 4.18 -10.85
N LEU A 382 -13.16 4.90 -11.73
CA LEU A 382 -12.01 5.68 -11.29
C LEU A 382 -12.43 6.84 -10.40
N ASP A 383 -13.65 7.37 -10.57
CA ASP A 383 -14.03 8.48 -9.69
C ASP A 383 -14.19 7.96 -8.27
N THR A 384 -14.77 6.77 -8.14
CA THR A 384 -14.95 6.15 -6.83
C THR A 384 -13.59 5.83 -6.21
N GLU A 385 -12.70 5.25 -7.01
CA GLU A 385 -11.39 4.86 -6.50
C GLU A 385 -10.56 6.08 -6.12
N LEU A 386 -10.64 7.17 -6.89
CA LEU A 386 -9.88 8.36 -6.55
C LEU A 386 -10.42 9.02 -5.29
N LEU A 387 -11.75 9.04 -5.13
CA LEU A 387 -12.34 9.61 -3.92
C LEU A 387 -11.96 8.79 -2.70
N LEU A 388 -11.97 7.46 -2.81
CA LEU A 388 -11.65 6.65 -1.66
C LEU A 388 -10.17 6.72 -1.34
N ALA A 389 -9.30 6.58 -2.34
CA ALA A 389 -7.86 6.60 -2.10
C ALA A 389 -7.42 7.93 -1.52
N SER A 390 -8.05 9.04 -1.93
CA SER A 390 -7.67 10.33 -1.40
C SER A 390 -8.21 10.52 0.01
N SER A 391 -9.46 10.10 0.25
CA SER A 391 -10.06 10.27 1.56
C SER A 391 -9.38 9.41 2.61
N LEU A 392 -8.67 8.34 2.19
CA LEU A 392 -7.97 7.50 3.15
C LEU A 392 -6.95 8.31 3.98
N GLY A 393 -6.34 9.32 3.38
CA GLY A 393 -5.35 10.09 4.11
C GLY A 393 -5.98 10.82 5.28
N SER A 394 -7.17 11.37 5.04
CA SER A 394 -7.85 12.13 6.07
C SER A 394 -8.41 11.19 7.10
N TRP A 395 -8.79 9.98 6.68
CA TRP A 395 -9.25 8.99 7.65
C TRP A 395 -8.12 8.49 8.53
N LEU A 396 -6.88 8.50 8.04
CA LEU A 396 -5.79 8.17 8.97
C LEU A 396 -5.54 9.33 9.92
N MET A 397 -5.53 10.55 9.39
CA MET A 397 -5.37 11.73 10.25
C MET A 397 -6.41 11.71 11.36
N SER A 398 -7.67 11.45 11.00
CA SER A 398 -8.74 11.42 11.97
C SER A 398 -8.58 10.28 12.97
N TRP A 399 -8.20 9.08 12.51
CA TRP A 399 -8.07 7.99 13.48
C TRP A 399 -6.88 8.21 14.41
N CYS A 400 -5.82 8.87 13.94
CA CYS A 400 -4.72 9.17 14.83
C CYS A 400 -5.17 10.14 15.91
N SER A 401 -5.96 11.15 15.52
CA SER A 401 -6.49 12.07 16.51
C SER A 401 -7.43 11.36 17.48
N VAL A 402 -8.30 10.48 16.96
CA VAL A 402 -9.25 9.75 17.81
C VAL A 402 -8.51 8.88 18.81
N VAL A 403 -7.49 8.15 18.34
CA VAL A 403 -6.73 7.28 19.25
C VAL A 403 -6.06 8.11 20.33
N ALA A 404 -5.45 9.24 19.96
CA ALA A 404 -4.81 10.06 20.97
C ALA A 404 -5.83 10.61 21.97
N SER A 405 -7.01 11.00 21.49
CA SER A 405 -8.05 11.52 22.37
C SER A 405 -8.58 10.44 23.31
N VAL A 406 -8.75 9.22 22.80
CA VAL A 406 -9.20 8.12 23.66
C VAL A 406 -8.13 7.80 24.69
N ALA A 407 -6.86 7.75 24.27
CA ALA A 407 -5.80 7.47 25.23
C ALA A 407 -5.78 8.51 26.33
N GLU A 408 -6.02 9.79 25.99
CA GLU A 408 -6.07 10.82 27.01
C GLU A 408 -7.29 10.64 27.91
N ALA A 409 -8.45 10.31 27.31
CA ALA A 409 -9.67 10.12 28.07
C ALA A 409 -9.53 8.97 29.05
N GLY A 410 -8.79 7.93 28.69
CA GLY A 410 -8.64 6.78 29.56
C GLY A 410 -7.86 7.07 30.83
N GLN A 411 -7.15 8.20 30.89
CA GLN A 411 -6.39 8.61 32.05
C GLN A 411 -7.13 9.63 32.91
N LYS A 412 -8.34 10.03 32.51
CA LYS A 412 -9.12 11.07 33.19
C LYS A 412 -8.32 12.38 33.28
N SER A 413 -7.61 12.70 32.19
CA SER A 413 -6.82 13.91 32.17
C SER A 413 -7.73 15.15 32.15
N PRO A 414 -7.39 16.21 32.90
CA PRO A 414 -8.22 17.43 32.83
C PRO A 414 -8.15 18.15 31.50
N SER A 415 -7.20 17.82 30.63
CA SER A 415 -7.02 18.47 29.34
C SER A 415 -7.87 17.87 28.23
N PHE A 416 -8.59 16.78 28.48
CA PHE A 416 -9.40 16.16 27.43
C PHE A 416 -10.49 17.12 26.98
N SER A 417 -10.69 17.19 25.67
CA SER A 417 -11.73 18.03 25.08
C SER A 417 -12.39 17.31 23.91
N TRP A 418 -13.72 17.44 23.86
CA TRP A 418 -14.53 16.80 22.82
C TRP A 418 -14.22 17.32 21.43
N THR A 419 -13.66 18.52 21.31
CA THR A 419 -13.42 19.10 20.00
C THR A 419 -12.35 18.35 19.20
N SER A 420 -11.53 17.53 19.84
CA SER A 420 -10.51 16.74 19.15
C SER A 420 -10.93 15.30 18.92
N LEU A 421 -12.12 14.91 19.40
CA LEU A 421 -12.64 13.54 19.30
C LEU A 421 -13.87 13.51 18.41
N THR A 422 -14.82 14.41 18.67
CA THR A 422 -16.06 14.42 17.90
C THR A 422 -15.79 14.90 16.48
N TYR A 423 -14.85 15.83 16.32
CA TYR A 423 -14.50 16.34 15.01
C TYR A 423 -13.91 15.24 14.13
N SER A 424 -12.94 14.48 14.65
CA SER A 424 -12.27 13.48 13.82
C SER A 424 -13.21 12.34 13.42
N LEU A 425 -14.06 11.91 14.35
CA LEU A 425 -15.01 10.86 14.03
C LEU A 425 -16.06 11.39 13.06
N LEU A 426 -16.42 12.65 13.22
CA LEU A 426 -17.37 13.25 12.31
C LEU A 426 -16.75 13.39 10.93
N LEU A 427 -15.45 13.69 10.84
CA LEU A 427 -14.80 13.78 9.54
C LEU A 427 -14.86 12.44 8.82
N VAL A 428 -14.65 11.35 9.56
CA VAL A 428 -14.70 10.04 8.93
C VAL A 428 -16.13 9.72 8.50
N LEU A 429 -17.10 9.98 9.35
CA LEU A 429 -18.49 9.68 9.01
C LEU A 429 -18.96 10.51 7.82
N GLU A 430 -18.66 11.83 7.84
CA GLU A 430 -19.13 12.69 6.77
C GLU A 430 -18.52 12.26 5.45
N LYS A 431 -17.23 11.92 5.45
CA LYS A 431 -16.62 11.52 4.19
C LYS A 431 -17.20 10.21 3.70
N CYS A 432 -17.50 9.27 4.60
CA CYS A 432 -18.08 8.00 4.14
C CYS A 432 -19.43 8.25 3.49
N ILE A 433 -20.22 9.14 4.11
CA ILE A 433 -21.55 9.46 3.59
C ILE A 433 -21.44 10.20 2.26
N GLN A 434 -20.56 11.20 2.20
CA GLN A 434 -20.41 11.98 0.98
C GLN A 434 -19.88 11.10 -0.15
N ASN A 435 -18.93 10.22 0.13
CA ASN A 435 -18.41 9.34 -0.92
C ASN A 435 -19.52 8.47 -1.47
N LEU A 436 -20.43 8.03 -0.59
CA LEU A 436 -21.49 7.16 -1.07
C LEU A 436 -22.51 7.96 -1.85
N PHE A 437 -22.74 9.21 -1.45
CA PHE A 437 -23.66 10.07 -2.19
C PHE A 437 -23.11 10.40 -3.57
N ILE A 438 -21.85 10.79 -3.65
CA ILE A 438 -21.27 11.19 -4.92
C ILE A 438 -21.26 10.01 -5.89
N VAL A 439 -20.85 8.82 -5.42
CA VAL A 439 -20.81 7.72 -6.38
C VAL A 439 -22.22 7.32 -6.78
N GLU A 440 -23.18 7.34 -5.84
CA GLU A 440 -24.55 7.02 -6.22
C GLU A 440 -25.04 7.98 -7.29
N SER A 441 -24.68 9.26 -7.15
CA SER A 441 -25.07 10.26 -8.13
C SER A 441 -24.43 9.96 -9.48
N LEU A 442 -23.17 9.53 -9.48
CA LEU A 442 -22.49 9.23 -10.74
C LEU A 442 -22.99 7.97 -11.41
N TYR A 443 -23.63 7.05 -10.68
CA TYR A 443 -24.18 5.82 -11.25
C TYR A 443 -25.67 5.92 -11.57
N ARG A 444 -26.27 7.11 -11.46
CA ARG A 444 -27.71 7.22 -11.69
C ARG A 444 -28.01 7.06 -13.17
N GLY A 512 -40.91 17.40 -10.10
CA GLY A 512 -39.59 18.02 -10.12
C GLY A 512 -39.07 18.43 -8.77
N ARG A 513 -39.79 18.08 -7.70
CA ARG A 513 -39.35 18.44 -6.36
C ARG A 513 -38.05 17.72 -6.00
N LYS A 514 -37.92 16.46 -6.40
CA LYS A 514 -36.71 15.72 -6.08
C LYS A 514 -35.51 16.31 -6.81
N ARG A 515 -35.71 16.78 -8.04
CA ARG A 515 -34.60 17.36 -8.78
C ARG A 515 -34.12 18.65 -8.12
N GLN A 516 -35.06 19.48 -7.66
CA GLN A 516 -34.64 20.72 -7.02
C GLN A 516 -33.97 20.44 -5.68
N ILE A 517 -34.44 19.41 -4.96
CA ILE A 517 -33.83 19.07 -3.69
C ILE A 517 -32.40 18.59 -3.92
N LEU A 518 -32.21 17.73 -4.91
CA LEU A 518 -30.88 17.22 -5.21
C LEU A 518 -29.96 18.33 -5.69
N LYS A 519 -30.48 19.28 -6.47
CA LYS A 519 -29.63 20.38 -6.92
C LYS A 519 -29.23 21.26 -5.74
N ASN A 520 -30.15 21.49 -4.79
CA ASN A 520 -29.79 22.30 -3.64
C ASN A 520 -28.77 21.58 -2.76
N ILE A 521 -28.87 20.26 -2.67
CA ILE A 521 -27.92 19.49 -1.88
C ILE A 521 -26.55 19.53 -2.54
N CYS A 522 -26.50 19.32 -3.86
CA CYS A 522 -25.21 19.32 -4.54
C CYS A 522 -24.58 20.71 -4.48
N MET A 523 -25.39 21.77 -4.61
CA MET A 523 -24.83 23.13 -4.55
C MET A 523 -24.28 23.42 -3.16
N PHE A 524 -25.01 22.99 -2.12
CA PHE A 524 -24.54 23.19 -0.75
C PHE A 524 -23.23 22.43 -0.51
N LEU A 525 -23.20 21.15 -0.89
CA LEU A 525 -22.01 20.35 -0.65
C LEU A 525 -20.83 20.88 -1.46
N PHE A 526 -21.08 21.28 -2.70
CA PHE A 526 -20.05 21.88 -3.56
C PHE A 526 -19.41 23.06 -2.86
N MET A 527 -20.23 23.99 -2.38
CA MET A 527 -19.71 25.18 -1.71
C MET A 527 -18.97 24.81 -0.42
N CYS A 528 -19.49 23.85 0.34
CA CYS A 528 -18.84 23.46 1.58
C CYS A 528 -17.50 22.78 1.31
N ASN A 529 -17.41 21.99 0.24
CA ASN A 529 -16.15 21.34 -0.07
C ASN A 529 -15.14 22.38 -0.55
N ILE A 530 -15.60 23.44 -1.21
CA ILE A 530 -14.68 24.50 -1.60
C ILE A 530 -14.15 25.18 -0.35
N SER A 531 -15.04 25.49 0.59
CA SER A 531 -14.64 26.16 1.83
C SER A 531 -13.66 25.31 2.64
N LEU A 532 -13.90 24.00 2.68
CA LEU A 532 -13.00 23.11 3.39
C LEU A 532 -11.68 22.95 2.65
N TRP A 533 -11.68 23.01 1.32
CA TRP A 533 -10.42 23.03 0.59
C TRP A 533 -9.65 24.29 0.92
N ILE A 534 -10.35 25.44 0.94
CA ILE A 534 -9.75 26.74 1.19
C ILE A 534 -9.04 26.79 2.52
N LEU A 535 -9.60 26.17 3.57
CA LEU A 535 -8.98 26.31 4.89
C LEU A 535 -7.51 25.86 4.90
N PRO A 536 -7.16 24.60 4.63
CA PRO A 536 -5.73 24.23 4.62
C PRO A 536 -4.97 24.76 3.42
N ALA A 537 -5.66 25.05 2.30
CA ALA A 537 -5.00 25.52 1.09
C ALA A 537 -4.31 26.88 1.27
N PHE A 538 -4.85 27.75 2.12
CA PHE A 538 -4.30 29.08 2.32
C PHE A 538 -3.46 29.23 3.60
N GLY A 539 -3.08 28.12 4.24
CA GLY A 539 -2.23 28.17 5.41
C GLY A 539 -2.88 27.89 6.74
N CYS A 540 -4.19 27.70 6.81
CA CYS A 540 -4.86 27.43 8.09
C CYS A 540 -4.81 25.92 8.34
N ARG A 541 -3.66 25.49 8.85
CA ARG A 541 -3.37 24.07 9.12
C ARG A 541 -2.94 23.90 10.57
N PRO A 542 -3.85 24.17 11.52
CA PRO A 542 -3.48 24.11 12.95
C PRO A 542 -3.20 22.70 13.44
N GLN A 543 -3.53 21.66 12.67
CA GLN A 543 -3.36 20.29 13.13
C GLN A 543 -1.90 20.00 13.47
N TYR A 544 -0.95 20.68 12.83
CA TYR A 544 0.45 20.42 13.08
C TYR A 544 0.86 20.83 14.48
N ASP A 545 0.13 21.74 15.11
CA ASP A 545 0.45 22.28 16.43
C ASP A 545 -0.36 21.63 17.55
N ASN A 546 -1.09 20.55 17.26
CA ASN A 546 -1.93 19.92 18.28
C ASN A 546 -1.09 19.51 19.50
N PRO A 547 -1.48 19.92 20.73
CA PRO A 547 -0.66 19.54 21.90
C PRO A 547 -0.72 18.07 22.28
N LEU A 548 -1.71 17.30 21.81
CA LEU A 548 -1.88 15.91 22.22
C LEU A 548 -1.42 14.90 21.18
N GLU A 549 -1.78 15.10 19.91
CA GLU A 549 -1.38 14.15 18.88
C GLU A 549 0.13 14.14 18.68
N ASN A 550 0.82 15.21 19.04
CA ASN A 550 2.27 15.27 18.92
C ASN A 550 2.98 14.64 20.11
N GLU A 551 2.24 14.16 21.10
CA GLU A 551 2.78 13.45 22.26
C GLU A 551 2.52 11.96 22.18
N THR A 552 1.34 11.57 21.71
CA THR A 552 1.00 10.15 21.59
C THR A 552 1.83 9.51 20.49
N PHE A 553 1.95 10.18 19.35
CA PHE A 553 2.68 9.67 18.18
C PHE A 553 4.04 10.35 18.00
N GLY A 554 4.30 11.43 18.69
CA GLY A 554 5.51 12.20 18.50
C GLY A 554 5.35 13.20 17.37
N THR A 555 6.28 14.15 17.31
CA THR A 555 6.18 15.18 16.30
C THR A 555 6.48 14.64 14.90
N SER A 556 7.40 13.69 14.78
CA SER A 556 7.76 13.22 13.44
C SER A 556 6.64 12.40 12.83
N VAL A 557 5.95 11.60 13.65
CA VAL A 557 4.87 10.78 13.13
C VAL A 557 3.64 11.64 12.88
N TRP A 558 3.28 12.52 13.82
CA TRP A 558 2.11 13.33 13.58
C TRP A 558 2.32 14.22 12.37
N THR A 559 3.51 14.80 12.24
CA THR A 559 3.83 15.66 11.11
C THR A 559 3.74 14.90 9.81
N THR A 560 4.30 13.67 9.75
CA THR A 560 4.22 12.93 8.49
C THR A 560 2.79 12.53 8.17
N VAL A 561 2.02 12.12 9.18
CA VAL A 561 0.62 11.75 8.95
C VAL A 561 -0.13 12.92 8.35
N LEU A 562 0.09 14.13 8.88
CA LEU A 562 -0.52 15.31 8.29
C LEU A 562 0.07 15.63 6.92
N ASN A 563 1.36 15.40 6.70
CA ASN A 563 1.94 15.70 5.40
C ASN A 563 1.32 14.80 4.34
N VAL A 564 0.87 13.62 4.74
CA VAL A 564 0.15 12.74 3.83
C VAL A 564 -1.30 13.19 3.67
N ALA A 565 -2.00 13.35 4.80
CA ALA A 565 -3.44 13.63 4.81
C ALA A 565 -3.82 14.99 4.22
N ILE A 566 -3.07 16.06 4.53
CA ILE A 566 -3.47 17.40 4.06
C ILE A 566 -3.46 17.52 2.55
N PRO A 567 -2.39 17.17 1.83
CA PRO A 567 -2.48 17.30 0.37
C PRO A 567 -3.46 16.30 -0.22
N LEU A 568 -3.68 15.17 0.46
CA LEU A 568 -4.71 14.25 0.02
C LEU A 568 -6.08 14.85 0.31
N ASN A 569 -6.21 15.58 1.42
CA ASN A 569 -7.49 16.20 1.74
C ASN A 569 -7.79 17.31 0.74
N LEU A 570 -6.76 18.03 0.28
CA LEU A 570 -6.98 19.08 -0.71
C LEU A 570 -7.43 18.47 -2.03
N PHE A 571 -6.79 17.35 -2.40
CA PHE A 571 -7.16 16.65 -3.61
C PHE A 571 -8.62 16.22 -3.51
N TYR A 572 -8.96 15.52 -2.42
CA TYR A 572 -10.28 14.96 -2.26
C TYR A 572 -11.33 16.07 -2.25
N ARG A 573 -11.02 17.20 -1.63
CA ARG A 573 -11.99 18.27 -1.50
C ARG A 573 -12.19 19.03 -2.81
N MET A 574 -11.26 18.93 -3.76
CA MET A 574 -11.48 19.51 -5.08
C MET A 574 -11.99 18.49 -6.09
N HIS A 575 -11.65 17.21 -5.90
CA HIS A 575 -12.28 16.14 -6.65
C HIS A 575 -13.78 16.17 -6.40
N SER A 576 -14.18 16.11 -5.13
CA SER A 576 -15.59 16.11 -4.78
C SER A 576 -16.29 17.32 -5.38
N VAL A 577 -15.58 18.46 -5.43
CA VAL A 577 -16.18 19.68 -5.97
C VAL A 577 -16.41 19.55 -7.46
N ALA A 578 -15.51 18.86 -8.17
CA ALA A 578 -15.72 18.64 -9.59
C ALA A 578 -16.84 17.64 -9.84
N SER A 579 -16.91 16.60 -9.03
CA SER A 579 -17.97 15.61 -9.22
C SER A 579 -19.33 16.20 -8.86
N LEU A 580 -19.38 16.98 -7.78
CA LEU A 580 -20.64 17.60 -7.40
C LEU A 580 -21.06 18.61 -8.45
N PHE A 581 -20.10 19.31 -9.05
CA PHE A 581 -20.41 20.27 -10.11
C PHE A 581 -21.06 19.55 -11.29
N GLU A 582 -20.45 18.44 -11.72
CA GLU A 582 -21.01 17.67 -12.81
C GLU A 582 -22.42 17.18 -12.48
N VAL A 583 -22.61 16.66 -11.27
CA VAL A 583 -23.92 16.15 -10.87
C VAL A 583 -24.94 17.27 -10.87
N PHE A 584 -24.56 18.44 -10.34
CA PHE A 584 -25.42 19.60 -10.30
C PHE A 584 -25.86 20.03 -11.70
N ARG A 585 -24.92 20.15 -12.63
CA ARG A 585 -25.28 20.59 -13.97
C ARG A 585 -26.30 19.66 -14.61
N LYS A 586 -26.15 18.36 -14.41
CA LYS A 586 -27.07 17.36 -14.96
C LYS A 586 -27.95 16.79 -13.86
N LYS B 47 -31.17 -3.27 1.77
CA LYS B 47 -31.85 -2.57 0.69
C LYS B 47 -30.93 -1.49 0.12
N TYR B 48 -29.67 -1.85 -0.11
CA TYR B 48 -28.67 -0.95 -0.67
C TYR B 48 -28.43 -1.25 -2.15
N PRO B 49 -28.16 -0.25 -2.99
CA PRO B 49 -27.65 -0.56 -4.34
C PRO B 49 -26.33 -1.30 -4.22
N GLN B 50 -26.07 -2.17 -5.22
CA GLN B 50 -24.83 -2.95 -5.18
C GLN B 50 -23.60 -2.03 -5.14
N LYS B 51 -23.65 -0.91 -5.86
CA LYS B 51 -22.49 -0.02 -5.88
C LYS B 51 -22.28 0.58 -4.51
N ASN B 52 -23.37 0.88 -3.80
CA ASN B 52 -23.25 1.44 -2.47
C ASN B 52 -22.88 0.36 -1.47
N ALA B 53 -23.37 -0.86 -1.66
CA ALA B 53 -23.00 -1.93 -0.75
C ALA B 53 -21.51 -2.19 -0.82
N GLU B 54 -20.95 -2.17 -2.02
CA GLU B 54 -19.53 -2.42 -2.20
C GLU B 54 -18.70 -1.25 -1.69
N LEU B 55 -19.12 -0.01 -1.96
CA LEU B 55 -18.32 1.10 -1.46
C LEU B 55 -18.42 1.24 0.05
N LEU B 56 -19.61 1.06 0.62
CA LEU B 56 -19.75 1.21 2.06
C LEU B 56 -18.96 0.12 2.77
N SER B 57 -18.97 -1.10 2.23
CA SER B 57 -18.20 -2.16 2.85
C SER B 57 -16.71 -1.86 2.75
N ALA B 58 -16.27 -1.34 1.60
CA ALA B 58 -14.86 -1.00 1.43
C ALA B 58 -14.45 0.11 2.40
N GLN B 59 -15.33 1.09 2.61
CA GLN B 59 -14.99 2.19 3.51
C GLN B 59 -14.92 1.71 4.95
N TYR B 60 -15.85 0.81 5.34
CA TYR B 60 -15.79 0.24 6.68
C TYR B 60 -14.47 -0.50 6.88
N GLY B 61 -14.12 -1.37 5.94
CA GLY B 61 -12.90 -2.14 6.06
C GLY B 61 -11.65 -1.29 6.06
N THR B 62 -11.61 -0.26 5.21
CA THR B 62 -10.40 0.54 5.14
C THR B 62 -10.28 1.42 6.37
N ASN B 63 -11.40 1.89 6.94
CA ASN B 63 -11.25 2.66 8.16
C ASN B 63 -10.93 1.75 9.33
N LEU B 64 -11.25 0.46 9.20
CA LEU B 64 -10.83 -0.51 10.20
C LEU B 64 -9.32 -0.70 10.14
N LEU B 65 -8.79 -0.78 8.93
CA LEU B 65 -7.35 -0.89 8.76
C LEU B 65 -6.66 0.38 9.25
N LEU B 66 -7.18 1.55 8.88
CA LEU B 66 -6.53 2.79 9.28
C LEU B 66 -6.59 2.96 10.79
N LEU B 67 -7.65 2.47 11.43
CA LEU B 67 -7.69 2.47 12.89
C LEU B 67 -6.60 1.57 13.45
N GLY B 68 -6.44 0.38 12.88
CA GLY B 68 -5.35 -0.49 13.33
C GLY B 68 -4.00 0.15 13.12
N VAL B 69 -3.86 0.90 12.02
CA VAL B 69 -2.63 1.63 11.74
C VAL B 69 -2.38 2.66 12.82
N SER B 70 -3.44 3.39 13.17
CA SER B 70 -3.33 4.42 14.20
C SER B 70 -2.89 3.81 15.53
N VAL B 71 -3.46 2.65 15.87
CA VAL B 71 -3.08 2.00 17.13
C VAL B 71 -1.63 1.55 17.07
N MET B 72 -1.19 0.96 15.96
CA MET B 72 0.20 0.52 15.87
C MET B 72 1.18 1.69 15.94
N LEU B 73 0.91 2.78 15.22
CA LEU B 73 1.75 3.98 15.36
C LEU B 73 1.77 4.48 16.80
N ALA B 74 0.61 4.55 17.43
CA ALA B 74 0.53 5.04 18.81
C ALA B 74 1.33 4.16 19.73
N LEU B 75 1.32 2.85 19.46
CA LEU B 75 2.06 1.87 20.26
C LEU B 75 3.56 2.03 20.13
N ALA B 76 4.05 2.16 18.90
CA ALA B 76 5.49 2.29 18.72
C ALA B 76 6.03 3.58 19.33
N ALA B 77 5.26 4.67 19.25
CA ALA B 77 5.70 5.94 19.81
C ALA B 77 5.59 5.93 21.33
N PRO B 81 1.15 5.85 26.52
CA PRO B 81 -0.23 6.13 26.08
C PRO B 81 -0.94 4.88 25.57
N VAL B 82 -0.35 4.20 24.59
CA VAL B 82 -0.86 2.96 24.03
C VAL B 82 0.19 1.88 24.26
N LYS B 83 -0.20 0.81 24.93
CA LYS B 83 0.67 -0.30 25.28
C LYS B 83 0.28 -1.52 24.45
N GLU B 84 1.14 -2.54 24.50
CA GLU B 84 0.91 -3.78 23.75
C GLU B 84 -0.47 -4.35 24.05
N GLU B 85 -0.89 -4.26 25.32
CA GLU B 85 -2.20 -4.77 25.70
C GLU B 85 -3.32 -4.08 24.94
N HIS B 86 -3.15 -2.80 24.59
CA HIS B 86 -4.21 -2.09 23.89
C HIS B 86 -4.35 -2.56 22.44
N LEU B 87 -3.22 -2.83 21.77
CA LEU B 87 -3.29 -3.35 20.40
C LEU B 87 -3.82 -4.78 20.41
N LEU B 88 -3.35 -5.59 21.35
CA LEU B 88 -3.83 -6.96 21.43
C LEU B 88 -5.32 -6.98 21.74
N SER B 89 -5.77 -6.09 22.63
CA SER B 89 -7.18 -6.02 22.96
C SER B 89 -8.00 -5.60 21.75
N PHE B 90 -7.52 -4.60 21.01
CA PHE B 90 -8.23 -4.14 19.81
C PHE B 90 -8.40 -5.27 18.81
N ILE B 91 -7.31 -5.97 18.49
CA ILE B 91 -7.43 -7.04 17.50
C ILE B 91 -8.21 -8.22 18.07
N THR B 92 -8.11 -8.47 19.38
CA THR B 92 -8.89 -9.52 20.01
C THR B 92 -10.38 -9.25 19.85
N VAL B 93 -10.79 -7.99 20.05
CA VAL B 93 -12.18 -7.63 19.86
C VAL B 93 -12.58 -7.83 18.41
N LEU B 94 -11.71 -7.44 17.48
CA LEU B 94 -12.08 -7.62 16.07
C LEU B 94 -12.23 -9.10 15.73
N MET B 95 -11.41 -9.96 16.34
CA MET B 95 -11.56 -11.39 16.11
C MET B 95 -12.87 -11.88 16.69
N LEU B 96 -13.25 -11.35 17.86
CA LEU B 96 -14.52 -11.75 18.47
C LEU B 96 -15.69 -11.33 17.58
N VAL B 97 -15.59 -10.15 16.96
CA VAL B 97 -16.62 -9.70 16.04
C VAL B 97 -16.71 -10.63 14.84
N GLN B 98 -15.55 -11.01 14.28
CA GLN B 98 -15.58 -11.90 13.13
C GLN B 98 -16.16 -13.25 13.52
N LEU B 99 -15.84 -13.73 14.74
CA LEU B 99 -16.41 -15.00 15.20
C LEU B 99 -17.92 -14.91 15.30
N VAL B 100 -18.44 -13.78 15.78
CA VAL B 100 -19.89 -13.62 15.86
C VAL B 100 -20.49 -13.63 14.46
N TRP B 101 -19.84 -12.92 13.51
CA TRP B 101 -20.35 -12.95 12.14
C TRP B 101 -20.36 -14.36 11.58
N MET B 102 -19.26 -15.09 11.77
CA MET B 102 -19.19 -16.45 11.23
C MET B 102 -20.26 -17.34 11.82
N LEU B 103 -20.52 -17.21 13.13
CA LEU B 103 -21.56 -18.05 13.72
C LEU B 103 -22.93 -17.69 13.18
N CYS B 104 -23.22 -16.39 13.04
CA CYS B 104 -24.53 -16.00 12.53
C CYS B 104 -24.69 -16.45 11.08
N TYR B 105 -23.64 -16.31 10.29
CA TYR B 105 -23.65 -16.72 8.90
C TYR B 105 -23.91 -18.21 8.78
N MET B 106 -23.19 -19.03 9.56
CA MET B 106 -23.39 -20.46 9.49
C MET B 106 -24.80 -20.84 9.93
N ILE B 107 -25.35 -20.12 10.91
CA ILE B 107 -26.72 -20.39 11.33
C ILE B 107 -27.68 -20.09 10.19
N ARG B 108 -27.48 -18.96 9.50
CA ARG B 108 -28.33 -18.61 8.37
C ARG B 108 -28.20 -19.63 7.24
N ARG B 109 -26.99 -20.14 7.00
CA ARG B 109 -26.80 -21.11 5.93
C ARG B 109 -27.39 -22.47 6.29
N GLU B 110 -27.26 -22.87 7.55
CA GLU B 110 -27.78 -24.16 8.01
C GLU B 110 -29.30 -24.06 8.18
N GLY B 124 -9.94 -27.90 -8.72
CA GLY B 124 -8.49 -27.96 -8.59
C GLY B 124 -7.95 -27.00 -7.54
N ALA B 125 -8.69 -26.88 -6.43
CA ALA B 125 -8.31 -26.01 -5.32
C ALA B 125 -7.70 -26.77 -4.15
N SER B 126 -7.32 -28.05 -4.36
CA SER B 126 -6.76 -28.84 -3.27
C SER B 126 -5.44 -28.26 -2.77
N TRP B 127 -4.71 -27.56 -3.63
CA TRP B 127 -3.46 -26.94 -3.21
C TRP B 127 -3.73 -25.78 -2.26
N ILE B 128 -4.88 -25.14 -2.39
CA ILE B 128 -5.20 -23.95 -1.61
C ILE B 128 -5.82 -24.35 -0.29
N ARG B 129 -6.66 -25.39 -0.34
CA ARG B 129 -7.28 -25.90 0.87
C ARG B 129 -6.21 -26.54 1.75
N GLY B 130 -5.29 -27.29 1.13
CA GLY B 130 -4.24 -27.87 1.95
C GLY B 130 -3.24 -26.82 2.38
N GLY B 131 -3.20 -25.70 1.67
CA GLY B 131 -2.33 -24.58 1.97
C GLY B 131 -2.73 -24.06 3.33
N LEU B 132 -3.92 -23.46 3.37
CA LEU B 132 -4.27 -22.85 4.65
C LEU B 132 -4.56 -23.88 5.73
N THR B 133 -4.95 -25.13 5.43
CA THR B 133 -5.12 -26.07 6.53
C THR B 133 -3.80 -26.36 7.22
N MET B 134 -2.70 -26.48 6.44
CA MET B 134 -1.40 -26.68 7.10
C MET B 134 -0.96 -25.44 7.84
N LEU B 135 -1.15 -24.25 7.27
CA LEU B 135 -0.62 -23.09 7.98
C LEU B 135 -1.49 -22.77 9.20
N ALA B 136 -2.74 -23.22 9.21
CA ALA B 136 -3.58 -23.01 10.36
C ALA B 136 -3.27 -24.02 11.45
N LEU B 137 -3.00 -25.28 11.07
CA LEU B 137 -2.55 -26.23 12.07
C LEU B 137 -1.25 -25.76 12.71
N LEU B 138 -0.34 -25.20 11.91
CA LEU B 138 0.91 -24.70 12.48
C LEU B 138 0.66 -23.51 13.41
N SER B 139 -0.30 -22.66 13.05
CA SER B 139 -0.66 -21.55 13.92
C SER B 139 -1.27 -22.04 15.22
N LEU B 140 -2.11 -23.08 15.15
CA LEU B 140 -2.72 -23.61 16.35
C LEU B 140 -1.66 -24.23 17.25
N ILE B 141 -0.65 -24.86 16.65
CA ILE B 141 0.45 -25.41 17.43
C ILE B 141 1.18 -24.27 18.14
N MET B 142 1.43 -23.17 17.40
CA MET B 142 2.10 -22.01 17.99
C MET B 142 1.30 -21.50 19.18
N ASP B 143 0.00 -21.34 18.99
CA ASP B 143 -0.87 -20.91 20.09
C ASP B 143 -0.72 -21.86 21.27
N ALA B 144 -0.85 -23.17 21.00
CA ALA B 144 -0.80 -24.16 22.06
C ALA B 144 0.46 -23.98 22.90
N PHE B 145 1.57 -23.64 22.24
CA PHE B 145 2.82 -23.38 22.96
C PHE B 145 2.73 -22.10 23.78
N ARG B 146 2.09 -21.07 23.25
CA ARG B 146 2.00 -19.81 23.98
C ARG B 146 1.08 -19.93 25.20
N ILE B 147 0.00 -20.70 25.07
CA ILE B 147 -0.97 -20.84 26.15
C ILE B 147 -0.33 -21.61 27.31
N GLY B 148 0.32 -22.72 27.01
CA GLY B 148 0.96 -23.53 28.03
C GLY B 148 2.22 -22.89 28.58
N SER B 158 -0.04 -10.20 31.42
CA SER B 158 -1.17 -9.28 31.33
C SER B 158 -2.41 -10.01 30.83
N ALA B 159 -3.58 -9.40 31.04
CA ALA B 159 -4.83 -10.03 30.63
C ALA B 159 -4.90 -10.19 29.11
N ALA B 160 -4.41 -9.20 28.37
CA ALA B 160 -4.48 -9.27 26.92
C ALA B 160 -3.64 -10.43 26.39
N LEU B 161 -2.48 -10.67 26.99
CA LEU B 161 -1.64 -11.77 26.57
C LEU B 161 -2.27 -13.11 26.93
N GLY B 162 -2.90 -13.18 28.10
CA GLY B 162 -3.56 -14.42 28.50
C GLY B 162 -4.78 -14.76 27.65
N VAL B 163 -5.52 -13.76 27.20
CA VAL B 163 -6.76 -13.98 26.45
C VAL B 163 -6.53 -14.11 24.95
N TYR B 164 -5.70 -13.25 24.35
CA TYR B 164 -5.49 -13.24 22.90
C TYR B 164 -5.28 -14.61 22.27
N PRO B 165 -4.41 -15.48 22.79
CA PRO B 165 -4.23 -16.79 22.13
C PRO B 165 -5.49 -17.67 22.13
N ILE B 166 -6.45 -17.42 23.00
CA ILE B 166 -7.66 -18.24 23.03
C ILE B 166 -8.59 -17.78 21.93
N VAL B 167 -8.79 -16.47 21.84
CA VAL B 167 -9.65 -15.91 20.83
C VAL B 167 -9.03 -16.19 19.47
N HIS B 168 -7.71 -16.07 19.39
CA HIS B 168 -6.97 -16.32 18.17
C HIS B 168 -7.12 -17.78 17.73
N ALA B 169 -7.02 -18.73 18.66
CA ALA B 169 -7.20 -20.13 18.28
C ALA B 169 -8.62 -20.37 17.78
N LEU B 170 -9.60 -19.75 18.44
CA LEU B 170 -10.98 -19.94 18.00
C LEU B 170 -11.18 -19.30 16.63
N HIS B 171 -10.55 -18.16 16.42
CA HIS B 171 -10.62 -17.46 15.15
C HIS B 171 -10.05 -18.32 14.04
N THR B 172 -8.89 -18.92 14.27
CA THR B 172 -8.27 -19.77 13.27
C THR B 172 -9.14 -21.00 12.96
N ILE B 173 -9.70 -21.62 14.00
CA ILE B 173 -10.53 -22.81 13.81
C ILE B 173 -11.79 -22.46 13.02
N SER B 174 -12.46 -21.36 13.38
CA SER B 174 -13.66 -21.00 12.65
C SER B 174 -13.33 -20.51 11.25
N GLN B 175 -12.18 -19.84 11.09
CA GLN B 175 -11.81 -19.32 9.78
C GLN B 175 -11.57 -20.47 8.81
N VAL B 176 -10.92 -21.55 9.28
CA VAL B 176 -10.70 -22.68 8.40
C VAL B 176 -12.01 -23.42 8.16
N HIS B 177 -12.81 -23.64 9.20
CA HIS B 177 -14.09 -24.32 9.02
C HIS B 177 -14.94 -23.62 7.95
N PHE B 178 -15.04 -22.29 8.08
CA PHE B 178 -15.81 -21.48 7.13
C PHE B 178 -15.24 -21.57 5.72
N LEU B 179 -13.93 -21.38 5.58
CA LEU B 179 -13.34 -21.39 4.24
C LEU B 179 -13.43 -22.77 3.60
N TRP B 180 -13.29 -23.83 4.39
CA TRP B 180 -13.40 -25.19 3.83
C TRP B 180 -14.82 -25.49 3.37
N PHE B 181 -15.80 -25.26 4.24
CA PHE B 181 -17.18 -25.70 3.98
C PHE B 181 -18.16 -24.62 3.54
N HIS B 182 -17.98 -23.36 3.95
CA HIS B 182 -18.97 -22.33 3.70
C HIS B 182 -18.44 -21.17 2.85
N ILE B 183 -17.37 -21.38 2.10
CA ILE B 183 -16.81 -20.31 1.27
C ILE B 183 -17.80 -19.96 0.16
N TYR B 190 -25.49 -10.25 -3.79
CA TYR B 190 -25.36 -10.82 -2.46
C TYR B 190 -25.86 -9.82 -1.43
N GLU B 191 -26.13 -10.28 -0.21
CA GLU B 191 -26.55 -9.39 0.85
C GLU B 191 -25.40 -8.51 1.32
N THR B 192 -25.77 -7.36 1.91
CA THR B 192 -24.78 -6.47 2.51
C THR B 192 -24.12 -7.11 3.71
N PHE B 193 -24.85 -7.97 4.42
CA PHE B 193 -24.32 -8.69 5.58
C PHE B 193 -23.06 -9.44 5.21
N GLU B 194 -23.12 -10.20 4.11
CA GLU B 194 -21.97 -10.98 3.67
C GLU B 194 -20.82 -10.10 3.24
N ARG B 195 -21.10 -8.98 2.56
CA ARG B 195 -20.01 -8.11 2.13
C ARG B 195 -19.31 -7.46 3.33
N PHE B 196 -20.08 -7.04 4.35
CA PHE B 196 -19.40 -6.43 5.49
C PHE B 196 -18.61 -7.49 6.24
N GLY B 197 -19.18 -8.69 6.33
CA GLY B 197 -18.51 -9.77 7.02
C GLY B 197 -17.18 -10.13 6.40
N VAL B 198 -17.17 -10.32 5.08
CA VAL B 198 -15.94 -10.73 4.41
C VAL B 198 -14.94 -9.58 4.39
N ILE B 199 -15.38 -8.33 4.25
CA ILE B 199 -14.41 -7.24 4.27
C ILE B 199 -13.80 -7.13 5.66
N HIS B 200 -14.63 -7.30 6.70
CA HIS B 200 -14.11 -7.31 8.06
C HIS B 200 -13.06 -8.38 8.20
N ALA B 201 -13.36 -9.59 7.73
CA ALA B 201 -12.40 -10.68 7.82
C ALA B 201 -11.12 -10.37 7.06
N VAL B 202 -11.23 -9.70 5.90
CA VAL B 202 -10.03 -9.36 5.13
C VAL B 202 -9.14 -8.42 5.93
N PHE B 203 -9.73 -7.43 6.59
CA PHE B 203 -8.88 -6.46 7.27
C PHE B 203 -8.54 -6.92 8.69
N THR B 204 -9.28 -7.88 9.22
CA THR B 204 -8.90 -8.48 10.50
C THR B 204 -7.67 -9.34 10.29
N ASN B 205 -7.65 -10.11 9.20
CA ASN B 205 -6.50 -10.95 8.92
C ASN B 205 -5.32 -10.11 8.46
N LEU B 206 -5.59 -9.01 7.76
CA LEU B 206 -4.50 -8.13 7.37
C LEU B 206 -3.86 -7.50 8.61
N LEU B 207 -4.67 -7.10 9.58
CA LEU B 207 -4.15 -6.55 10.82
C LEU B 207 -3.42 -7.61 11.62
N LEU B 208 -3.91 -8.85 11.58
CA LEU B 208 -3.21 -9.95 12.25
C LEU B 208 -1.86 -10.20 11.61
N TRP B 209 -1.77 -10.10 10.28
CA TRP B 209 -0.46 -10.17 9.63
C TRP B 209 0.42 -9.05 10.18
N CYS B 210 -0.06 -7.81 10.09
CA CYS B 210 0.72 -6.66 10.49
C CYS B 210 1.21 -6.79 11.92
N ASN B 211 0.37 -7.34 12.81
CA ASN B 211 0.79 -7.50 14.20
C ASN B 211 1.82 -8.60 14.32
N GLY B 212 1.64 -9.71 13.60
CA GLY B 212 2.61 -10.78 13.65
C GLY B 212 3.97 -10.32 13.20
N VAL B 213 4.00 -9.40 12.23
CA VAL B 213 5.25 -8.88 11.69
C VAL B 213 5.88 -7.83 12.61
N MET B 214 5.09 -6.88 13.12
CA MET B 214 5.68 -5.81 13.93
C MET B 214 6.05 -6.31 15.31
N SER B 215 5.17 -7.11 15.92
CA SER B 215 5.40 -7.61 17.27
C SER B 215 5.99 -9.02 17.24
N SER B 256 9.30 -20.76 24.63
CA SER B 256 10.27 -21.81 24.30
C SER B 256 10.97 -21.45 22.99
N THR B 257 11.48 -22.45 22.28
CA THR B 257 12.20 -22.25 21.02
C THR B 257 11.39 -22.63 19.80
N SER B 258 10.27 -23.35 19.98
CA SER B 258 9.45 -23.76 18.85
C SER B 258 8.73 -22.59 18.19
N LEU B 259 8.62 -21.45 18.88
CA LEU B 259 7.92 -20.31 18.31
C LEU B 259 8.75 -19.65 17.22
N TYR B 260 10.06 -19.90 17.21
CA TYR B 260 10.93 -19.38 16.15
C TYR B 260 10.61 -20.04 14.82
N TYR B 261 10.59 -21.37 14.79
CA TYR B 261 10.45 -22.09 13.53
C TYR B 261 9.06 -21.92 12.92
N LEU B 262 8.02 -21.73 13.74
CA LEU B 262 6.67 -21.58 13.23
C LEU B 262 6.31 -20.15 12.85
N TYR B 263 7.16 -19.18 13.16
CA TYR B 263 6.87 -17.76 12.96
C TYR B 263 6.46 -17.44 11.53
N PRO B 264 7.23 -17.82 10.49
CA PRO B 264 6.84 -17.47 9.12
C PRO B 264 5.58 -18.13 8.68
N PHE B 265 5.14 -19.19 9.35
CA PHE B 265 3.98 -19.92 8.88
C PHE B 265 2.72 -19.31 9.42
N ASN B 266 2.79 -18.71 10.60
CA ASN B 266 1.63 -18.00 11.13
C ASN B 266 1.47 -16.68 10.40
N ILE B 267 2.58 -16.05 10.06
CA ILE B 267 2.50 -14.79 9.34
C ILE B 267 1.99 -15.03 7.92
N GLU B 268 2.54 -16.03 7.22
CA GLU B 268 2.01 -16.23 5.89
C GLU B 268 0.58 -16.75 5.97
N TYR B 269 0.17 -17.38 7.08
CA TYR B 269 -1.23 -17.79 7.21
C TYR B 269 -2.07 -16.53 7.14
N HIS B 270 -1.65 -15.47 7.85
CA HIS B 270 -2.51 -14.29 7.96
C HIS B 270 -2.38 -13.33 6.80
N ILE B 271 -1.58 -13.67 5.79
CA ILE B 271 -1.52 -12.91 4.55
C ILE B 271 -2.18 -13.70 3.43
N PHE B 272 -1.99 -15.02 3.45
CA PHE B 272 -2.70 -15.94 2.56
C PHE B 272 -4.20 -15.80 2.76
N VAL B 273 -4.67 -15.91 4.00
CA VAL B 273 -6.12 -15.91 4.22
C VAL B 273 -6.70 -14.55 3.87
N SER B 274 -5.97 -13.47 4.14
CA SER B 274 -6.43 -12.14 3.75
C SER B 274 -6.59 -12.03 2.24
N ALA B 275 -5.66 -12.64 1.50
CA ALA B 275 -5.79 -12.62 0.04
C ALA B 275 -6.93 -13.52 -0.39
N MET B 276 -7.05 -14.68 0.26
CA MET B 276 -8.06 -15.67 -0.05
C MET B 276 -9.45 -15.09 0.10
N LEU B 277 -9.61 -14.19 1.09
CA LEU B 277 -10.86 -13.51 1.33
C LEU B 277 -11.07 -12.32 0.39
N PHE B 278 -10.01 -11.61 0.02
CA PHE B 278 -10.22 -10.45 -0.84
C PHE B 278 -10.53 -10.90 -2.28
N VAL B 279 -9.73 -11.83 -2.80
CA VAL B 279 -9.89 -12.21 -4.21
C VAL B 279 -11.22 -12.91 -4.42
N MET B 280 -11.76 -13.54 -3.37
CA MET B 280 -13.08 -14.16 -3.47
C MET B 280 -14.10 -13.14 -3.94
N TRP B 281 -14.04 -11.92 -3.42
CA TRP B 281 -15.00 -10.90 -3.79
C TRP B 281 -14.53 -10.09 -4.98
N LYS B 282 -13.23 -10.11 -5.26
CA LYS B 282 -12.75 -9.47 -6.48
C LYS B 282 -13.29 -10.21 -7.70
N ASN B 283 -13.35 -11.54 -7.63
CA ASN B 283 -13.92 -12.30 -8.74
C ASN B 283 -15.43 -12.10 -8.81
N ILE B 284 -16.11 -12.21 -7.68
CA ILE B 284 -17.57 -12.11 -7.61
C ILE B 284 -18.00 -10.74 -8.11
N GLY B 303 11.93 -38.78 -22.48
CA GLY B 303 11.90 -37.36 -22.79
C GLY B 303 12.25 -36.48 -21.61
N LEU B 304 11.52 -36.68 -20.51
CA LEU B 304 11.69 -35.87 -19.30
C LEU B 304 12.85 -36.41 -18.49
N LEU B 305 14.06 -36.15 -19.00
CA LEU B 305 15.30 -36.63 -18.38
C LEU B 305 16.01 -35.57 -17.55
N LEU B 306 16.40 -34.45 -18.18
CA LEU B 306 17.28 -33.50 -17.51
C LEU B 306 16.57 -32.70 -16.43
N GLY B 307 15.28 -32.43 -16.63
CA GLY B 307 14.49 -31.67 -15.69
C GLY B 307 14.51 -32.25 -14.29
N PRO B 308 13.94 -33.44 -14.11
CA PRO B 308 13.92 -34.04 -12.78
C PRO B 308 15.29 -34.40 -12.25
N LEU B 309 16.30 -34.63 -13.11
CA LEU B 309 17.63 -34.90 -12.57
C LEU B 309 18.20 -33.66 -11.93
N GLY B 310 18.05 -32.51 -12.60
CA GLY B 310 18.54 -31.27 -12.02
C GLY B 310 17.75 -30.94 -10.77
N GLY B 311 16.45 -31.25 -10.79
CA GLY B 311 15.62 -30.98 -9.64
C GLY B 311 16.03 -31.79 -8.43
N LEU B 312 16.24 -33.09 -8.62
CA LEU B 312 16.64 -33.96 -7.52
C LEU B 312 18.01 -33.55 -6.97
N VAL B 313 18.92 -33.14 -7.85
CA VAL B 313 20.23 -32.70 -7.35
C VAL B 313 20.06 -31.44 -6.52
N ALA B 314 19.26 -30.48 -7.01
CA ALA B 314 19.03 -29.25 -6.27
C ALA B 314 18.37 -29.54 -4.92
N LEU B 315 17.46 -30.52 -4.87
CA LEU B 315 16.80 -30.85 -3.62
C LEU B 315 17.75 -31.51 -2.63
N ALA B 316 18.57 -32.46 -3.10
CA ALA B 316 19.52 -33.10 -2.19
C ALA B 316 20.50 -32.08 -1.66
N SER B 317 20.90 -31.11 -2.50
CA SER B 317 21.86 -30.12 -2.06
C SER B 317 21.20 -29.16 -1.07
N SER B 318 19.93 -28.80 -1.32
CA SER B 318 19.23 -27.93 -0.38
C SER B 318 19.08 -28.60 0.97
N VAL B 319 18.76 -29.89 0.99
CA VAL B 319 18.62 -30.59 2.27
C VAL B 319 19.96 -30.63 2.98
N SER B 320 21.05 -30.89 2.23
CA SER B 320 22.37 -30.89 2.84
C SER B 320 22.69 -29.53 3.45
N VAL B 321 22.40 -28.44 2.72
CA VAL B 321 22.66 -27.10 3.23
C VAL B 321 21.84 -26.83 4.48
N LEU B 322 20.56 -27.23 4.46
CA LEU B 322 19.69 -27.03 5.62
C LEU B 322 20.22 -27.74 6.85
N VAL B 323 20.58 -29.01 6.72
CA VAL B 323 21.00 -29.75 7.90
C VAL B 323 22.36 -29.28 8.38
N VAL B 324 23.29 -28.99 7.45
CA VAL B 324 24.60 -28.52 7.88
C VAL B 324 24.48 -27.19 8.60
N TYR B 325 23.65 -26.28 8.06
CA TYR B 325 23.41 -24.99 8.71
C TYR B 325 22.87 -25.18 10.12
N LEU B 326 21.82 -26.00 10.27
CA LEU B 326 21.21 -26.16 11.58
C LEU B 326 22.15 -26.83 12.58
N ILE B 327 22.94 -27.80 12.11
CA ILE B 327 23.86 -28.52 13.00
C ILE B 327 24.87 -27.55 13.63
N HIS B 328 25.38 -26.61 12.83
CA HIS B 328 26.39 -25.67 13.29
C HIS B 328 25.82 -24.38 13.87
N LEU B 329 24.51 -24.32 14.12
CA LEU B 329 23.91 -23.12 14.71
C LEU B 329 24.46 -22.91 16.11
N HIS B 336 29.87 -21.67 11.88
CA HIS B 336 28.63 -20.95 11.64
C HIS B 336 28.78 -20.05 10.43
N GLU B 337 29.85 -19.25 10.41
CA GLU B 337 30.09 -18.34 9.29
C GLU B 337 30.26 -19.12 7.98
N ALA B 338 30.95 -20.26 8.05
CA ALA B 338 31.13 -21.08 6.86
C ALA B 338 29.79 -21.55 6.32
N ALA B 339 28.87 -21.93 7.20
CA ALA B 339 27.56 -22.37 6.75
C ALA B 339 26.80 -21.24 6.08
N VAL B 340 26.98 -20.01 6.56
CA VAL B 340 26.30 -18.86 5.95
C VAL B 340 26.88 -18.61 4.55
N SER B 341 28.21 -18.66 4.41
CA SER B 341 28.78 -18.46 3.09
C SER B 341 28.35 -19.56 2.14
N MET B 342 28.31 -20.80 2.64
CA MET B 342 27.84 -21.93 1.85
C MET B 342 26.42 -21.68 1.36
N PHE B 343 25.56 -21.23 2.28
CA PHE B 343 24.18 -20.89 1.94
C PHE B 343 24.11 -19.86 0.83
N TYR B 344 24.87 -18.76 0.96
CA TYR B 344 24.76 -17.73 -0.07
C TYR B 344 25.33 -18.20 -1.41
N TYR B 345 26.42 -18.99 -1.42
CA TYR B 345 26.94 -19.46 -2.71
C TYR B 345 25.96 -20.43 -3.34
N TYR B 346 25.35 -21.30 -2.53
CA TYR B 346 24.36 -22.24 -3.01
C TYR B 346 23.17 -21.48 -3.60
N GLY B 347 22.71 -20.47 -2.87
CA GLY B 347 21.60 -19.66 -3.35
C GLY B 347 21.90 -19.06 -4.71
N VAL B 348 23.08 -18.43 -4.85
CA VAL B 348 23.44 -17.80 -6.12
C VAL B 348 23.45 -18.85 -7.24
N ALA B 349 24.03 -20.02 -6.98
CA ALA B 349 24.07 -21.07 -7.99
C ALA B 349 22.67 -21.48 -8.43
N MET B 350 21.75 -21.60 -7.47
CA MET B 350 20.40 -21.99 -7.85
C MET B 350 19.68 -20.87 -8.57
N MET B 351 19.91 -19.63 -8.15
CA MET B 351 19.15 -18.56 -8.78
C MET B 351 19.60 -18.41 -10.23
N ALA B 352 20.91 -18.59 -10.48
CA ALA B 352 21.41 -18.51 -11.84
C ALA B 352 20.86 -19.64 -12.69
N CYS B 353 20.77 -20.85 -12.13
CA CYS B 353 20.22 -21.95 -12.90
C CYS B 353 18.75 -21.71 -13.21
N MET B 354 18.00 -21.16 -12.26
CA MET B 354 16.59 -20.88 -12.55
C MET B 354 16.47 -19.79 -13.62
N CYS B 355 17.36 -18.78 -13.58
CA CYS B 355 17.32 -17.75 -14.62
C CYS B 355 17.52 -18.38 -15.99
N VAL B 356 18.45 -19.32 -16.09
CA VAL B 356 18.71 -19.97 -17.38
C VAL B 356 17.50 -20.79 -17.79
N GLY B 357 16.92 -21.56 -16.85
CA GLY B 357 15.76 -22.37 -17.18
C GLY B 357 14.59 -21.55 -17.69
N SER B 358 14.19 -20.53 -16.92
CA SER B 358 13.07 -19.69 -17.31
C SER B 358 13.37 -18.93 -18.61
N GLY B 359 14.59 -18.43 -18.76
CA GLY B 359 14.93 -17.72 -19.98
C GLY B 359 14.82 -18.63 -21.19
N THR B 360 15.25 -19.89 -21.03
CA THR B 360 15.15 -20.84 -22.14
C THR B 360 13.69 -21.07 -22.48
N GLY B 361 12.84 -21.23 -21.46
CA GLY B 361 11.43 -21.43 -21.73
C GLY B 361 10.81 -20.25 -22.44
N LEU B 362 11.21 -19.04 -22.05
CA LEU B 362 10.71 -17.85 -22.72
C LEU B 362 11.18 -17.80 -24.16
N LEU B 363 12.42 -18.20 -24.42
CA LEU B 363 12.91 -18.23 -25.79
C LEU B 363 12.12 -19.22 -26.63
N VAL B 364 11.77 -20.36 -26.03
CA VAL B 364 10.97 -21.36 -26.75
C VAL B 364 9.61 -20.77 -27.10
N TYR B 365 8.99 -20.08 -26.15
CA TYR B 365 7.68 -19.50 -26.40
C TYR B 365 7.73 -18.38 -27.43
N ARG B 366 8.82 -17.61 -27.45
CA ARG B 366 8.96 -16.51 -28.40
C ARG B 366 9.31 -16.99 -29.80
N MET B 367 10.11 -18.04 -29.93
CA MET B 367 10.45 -18.55 -31.25
C MET B 367 9.26 -19.24 -31.90
N GLU B 368 8.39 -19.87 -31.11
CA GLU B 368 7.24 -20.57 -31.66
C GLU B 368 6.21 -19.59 -32.19
N ARG B 380 -7.10 -15.79 -15.11
CA ARG B 380 -5.72 -16.00 -14.69
C ARG B 380 -5.07 -14.72 -14.15
N THR B 381 -5.85 -13.63 -14.09
CA THR B 381 -5.33 -12.37 -13.59
C THR B 381 -4.85 -12.51 -12.15
N LEU B 382 -5.60 -13.25 -11.33
CA LEU B 382 -5.24 -13.37 -9.92
C LEU B 382 -3.94 -14.13 -9.72
N ASP B 383 -3.60 -15.06 -10.63
CA ASP B 383 -2.34 -15.78 -10.43
C ASP B 383 -1.17 -14.81 -10.62
N THR B 384 -1.29 -13.92 -11.61
CA THR B 384 -0.27 -12.93 -11.87
C THR B 384 -0.17 -11.96 -10.70
N GLU B 385 -1.32 -11.49 -10.22
CA GLU B 385 -1.33 -10.52 -9.13
C GLU B 385 -0.81 -11.13 -7.83
N LEU B 386 -1.13 -12.40 -7.56
CA LEU B 386 -0.63 -13.02 -6.34
C LEU B 386 0.88 -13.26 -6.42
N LEU B 387 1.37 -13.66 -7.60
CA LEU B 387 2.80 -13.83 -7.76
C LEU B 387 3.55 -12.52 -7.59
N LEU B 388 3.01 -11.45 -8.18
CA LEU B 388 3.71 -10.17 -8.07
C LEU B 388 3.64 -9.61 -6.66
N ALA B 389 2.45 -9.62 -6.05
CA ALA B 389 2.29 -9.06 -4.71
C ALA B 389 3.14 -9.81 -3.70
N SER B 390 3.29 -11.12 -3.87
CA SER B 390 4.10 -11.88 -2.94
C SER B 390 5.58 -11.66 -3.20
N SER B 391 5.98 -11.63 -4.46
CA SER B 391 7.39 -11.43 -4.80
C SER B 391 7.88 -10.05 -4.40
N LEU B 392 6.97 -9.08 -4.23
CA LEU B 392 7.39 -7.74 -3.83
C LEU B 392 8.13 -7.75 -2.49
N GLY B 393 7.76 -8.66 -1.59
CA GLY B 393 8.42 -8.69 -0.29
C GLY B 393 9.89 -9.06 -0.44
N SER B 394 10.16 -10.01 -1.32
CA SER B 394 11.52 -10.48 -1.51
C SER B 394 12.30 -9.44 -2.30
N TRP B 395 11.62 -8.71 -3.18
CA TRP B 395 12.30 -7.62 -3.88
C TRP B 395 12.64 -6.46 -2.96
N LEU B 396 11.88 -6.25 -1.89
CA LEU B 396 12.32 -5.25 -0.93
C LEU B 396 13.49 -5.77 -0.13
N MET B 397 13.42 -7.03 0.31
CA MET B 397 14.54 -7.62 1.04
C MET B 397 15.82 -7.51 0.21
N SER B 398 15.73 -7.84 -1.08
CA SER B 398 16.89 -7.78 -1.95
C SER B 398 17.38 -6.35 -2.15
N TRP B 399 16.47 -5.38 -2.33
CA TRP B 399 16.96 -4.02 -2.55
C TRP B 399 17.56 -3.44 -1.28
N CYS B 400 17.07 -3.85 -0.10
CA CYS B 400 17.69 -3.38 1.13
C CYS B 400 19.11 -3.92 1.23
N SER B 401 19.29 -5.20 0.88
CA SER B 401 20.64 -5.76 0.88
C SER B 401 21.53 -5.09 -0.14
N VAL B 402 21.00 -4.83 -1.35
CA VAL B 402 21.77 -4.16 -2.41
C VAL B 402 22.20 -2.77 -1.97
N VAL B 403 21.28 -2.00 -1.39
CA VAL B 403 21.61 -0.65 -0.96
C VAL B 403 22.69 -0.69 0.12
N ALA B 404 22.57 -1.61 1.07
CA ALA B 404 23.59 -1.70 2.12
C ALA B 404 24.94 -2.10 1.52
N SER B 405 24.94 -3.02 0.55
CA SER B 405 26.18 -3.46 -0.07
C SER B 405 26.82 -2.33 -0.89
N VAL B 406 26.01 -1.53 -1.59
CA VAL B 406 26.55 -0.41 -2.34
C VAL B 406 27.10 0.64 -1.39
N ALA B 407 26.38 0.92 -0.30
CA ALA B 407 26.88 1.89 0.67
C ALA B 407 28.21 1.45 1.23
N GLU B 408 28.38 0.15 1.49
CA GLU B 408 29.66 -0.35 1.98
C GLU B 408 30.73 -0.23 0.90
N ALA B 409 30.39 -0.58 -0.34
CA ALA B 409 31.33 -0.51 -1.45
C ALA B 409 31.82 0.93 -1.68
N GLY B 410 30.95 1.91 -1.46
CA GLY B 410 31.33 3.29 -1.68
C GLY B 410 32.37 3.81 -0.71
N GLN B 411 32.61 3.10 0.38
CA GLN B 411 33.61 3.47 1.38
C GLN B 411 34.91 2.70 1.22
N LYS B 412 35.00 1.79 0.24
CA LYS B 412 36.16 0.93 0.04
C LYS B 412 36.46 0.11 1.30
N SER B 413 35.40 -0.36 1.94
CA SER B 413 35.56 -1.16 3.15
C SER B 413 36.19 -2.51 2.82
N PRO B 414 37.13 -3.01 3.63
CA PRO B 414 37.70 -4.35 3.37
C PRO B 414 36.71 -5.49 3.58
N SER B 415 35.55 -5.24 4.21
CA SER B 415 34.55 -6.26 4.48
C SER B 415 33.56 -6.47 3.33
N PHE B 416 33.62 -5.66 2.27
CA PHE B 416 32.68 -5.83 1.17
C PHE B 416 32.87 -7.18 0.51
N SER B 417 31.75 -7.85 0.21
CA SER B 417 31.76 -9.14 -0.46
C SER B 417 30.64 -9.21 -1.49
N TRP B 418 30.98 -9.78 -2.66
CA TRP B 418 30.04 -9.90 -3.77
C TRP B 418 28.86 -10.81 -3.44
N THR B 419 29.00 -11.70 -2.45
CA THR B 419 27.94 -12.65 -2.16
C THR B 419 26.68 -11.98 -1.59
N SER B 420 26.78 -10.75 -1.09
CA SER B 420 25.64 -10.02 -0.57
C SER B 420 25.06 -9.02 -1.57
N LEU B 421 25.67 -8.87 -2.74
CA LEU B 421 25.27 -7.93 -3.77
C LEU B 421 24.78 -8.66 -5.01
N THR B 422 25.54 -9.63 -5.48
CA THR B 422 25.17 -10.35 -6.69
C THR B 422 23.96 -11.24 -6.42
N TYR B 423 23.89 -11.80 -5.21
CA TYR B 423 22.76 -12.64 -4.84
C TYR B 423 21.44 -11.87 -4.84
N SER B 424 21.41 -10.70 -4.20
CA SER B 424 20.16 -9.96 -4.10
C SER B 424 19.67 -9.46 -5.46
N LEU B 425 20.58 -8.98 -6.30
CA LEU B 425 20.20 -8.53 -7.62
C LEU B 425 19.77 -9.72 -8.47
N LEU B 426 20.43 -10.86 -8.26
CA LEU B 426 20.05 -12.05 -9.00
C LEU B 426 18.68 -12.52 -8.54
N LEU B 427 18.36 -12.39 -7.24
CA LEU B 427 17.03 -12.78 -6.77
C LEU B 427 15.96 -11.95 -7.46
N VAL B 428 16.21 -10.65 -7.61
CA VAL B 428 15.22 -9.80 -8.26
C VAL B 428 15.09 -10.17 -9.74
N LEU B 429 16.22 -10.37 -10.41
CA LEU B 429 16.18 -10.71 -11.83
C LEU B 429 15.49 -12.05 -12.06
N GLU B 430 15.86 -13.06 -11.26
CA GLU B 430 15.28 -14.39 -11.45
C GLU B 430 13.78 -14.35 -11.23
N LYS B 431 13.34 -13.64 -10.20
CA LYS B 431 11.90 -13.61 -9.95
C LYS B 431 11.18 -12.88 -11.06
N CYS B 432 11.77 -11.80 -11.61
CA CYS B 432 11.09 -11.10 -12.69
C CYS B 432 10.94 -12.02 -13.91
N ILE B 433 11.99 -12.79 -14.19
CA ILE B 433 11.97 -13.70 -15.32
C ILE B 433 10.99 -14.84 -15.08
N GLN B 434 11.03 -15.42 -13.88
CA GLN B 434 10.13 -16.53 -13.56
C GLN B 434 8.68 -16.07 -13.58
N ASN B 435 8.39 -14.88 -13.03
CA ASN B 435 7.02 -14.40 -13.04
C ASN B 435 6.53 -14.24 -14.47
N LEU B 436 7.42 -13.80 -15.36
CA LEU B 436 6.98 -13.61 -16.74
C LEU B 436 6.80 -14.95 -17.43
N PHE B 437 7.63 -15.93 -17.09
CA PHE B 437 7.50 -17.27 -17.66
C PHE B 437 6.20 -17.93 -17.19
N ILE B 438 5.93 -17.88 -15.89
CA ILE B 438 4.75 -18.54 -15.35
C ILE B 438 3.49 -17.92 -15.93
N VAL B 439 3.41 -16.58 -15.99
CA VAL B 439 2.17 -16.01 -16.52
C VAL B 439 2.04 -16.29 -18.00
N GLU B 440 3.16 -16.26 -18.75
CA GLU B 440 3.08 -16.58 -20.17
C GLU B 440 2.55 -18.00 -20.36
N SER B 441 3.00 -18.91 -19.50
CA SER B 441 2.54 -20.29 -19.56
C SER B 441 1.06 -20.38 -19.26
N LEU B 442 0.58 -19.60 -18.29
CA LEU B 442 -0.84 -19.63 -17.94
C LEU B 442 -1.74 -18.99 -18.99
N TYR B 443 -1.20 -18.11 -19.85
CA TYR B 443 -1.97 -17.49 -20.91
C TYR B 443 -1.84 -18.18 -22.26
N ARG B 444 -1.20 -19.35 -22.32
CA ARG B 444 -0.98 -20.02 -23.60
C ARG B 444 -2.29 -20.57 -24.12
N GLY B 512 7.29 -32.39 -31.28
CA GLY B 512 7.13 -32.49 -29.83
C GLY B 512 8.36 -32.13 -29.03
N ARG B 513 9.40 -31.63 -29.71
CA ARG B 513 10.62 -31.25 -29.01
C ARG B 513 10.37 -30.07 -28.08
N LYS B 514 9.56 -29.11 -28.51
CA LYS B 514 9.28 -27.95 -27.68
C LYS B 514 8.51 -28.35 -26.43
N ARG B 515 7.59 -29.32 -26.57
CA ARG B 515 6.81 -29.74 -25.42
C ARG B 515 7.71 -30.42 -24.38
N GLN B 516 8.65 -31.26 -24.83
CA GLN B 516 9.53 -31.92 -23.88
C GLN B 516 10.47 -30.91 -23.23
N ILE B 517 10.92 -29.90 -24.00
CA ILE B 517 11.80 -28.88 -23.43
C ILE B 517 11.04 -28.11 -22.35
N LEU B 518 9.82 -27.72 -22.65
CA LEU B 518 9.03 -26.96 -21.68
C LEU B 518 8.70 -27.80 -20.45
N LYS B 519 8.45 -29.10 -20.63
CA LYS B 519 8.19 -29.94 -19.47
C LYS B 519 9.44 -30.10 -18.61
N ASN B 520 10.62 -30.20 -19.24
CA ASN B 520 11.84 -30.30 -18.46
C ASN B 520 12.12 -29.00 -17.71
N ILE B 521 11.80 -27.86 -18.33
CA ILE B 521 12.02 -26.58 -17.69
C ILE B 521 11.07 -26.43 -16.51
N CYS B 522 9.79 -26.76 -16.70
CA CYS B 522 8.83 -26.62 -15.61
C CYS B 522 9.18 -27.58 -14.47
N MET B 523 9.62 -28.79 -14.78
CA MET B 523 9.98 -29.74 -13.74
C MET B 523 11.19 -29.25 -12.94
N PHE B 524 12.17 -28.70 -13.65
CA PHE B 524 13.37 -28.17 -13.00
C PHE B 524 12.99 -27.00 -12.09
N LEU B 525 12.22 -26.05 -12.61
CA LEU B 525 11.86 -24.87 -11.82
C LEU B 525 10.98 -25.27 -10.64
N PHE B 526 10.05 -26.19 -10.85
CA PHE B 526 9.20 -26.71 -9.78
C PHE B 526 10.06 -27.23 -8.63
N MET B 527 11.02 -28.10 -8.95
CA MET B 527 11.88 -28.67 -7.92
C MET B 527 12.73 -27.59 -7.25
N CYS B 528 13.24 -26.64 -8.03
CA CYS B 528 14.07 -25.58 -7.44
C CYS B 528 13.25 -24.67 -6.54
N ASN B 529 11.99 -24.40 -6.90
CA ASN B 529 11.16 -23.56 -6.05
C ASN B 529 10.82 -24.30 -4.77
N ILE B 530 10.68 -25.63 -4.84
CA ILE B 530 10.44 -26.39 -3.61
C ILE B 530 11.66 -26.29 -2.72
N SER B 531 12.85 -26.47 -3.30
CA SER B 531 14.08 -26.42 -2.52
C SER B 531 14.28 -25.04 -1.87
N LEU B 532 13.95 -23.98 -2.62
CA LEU B 532 14.07 -22.63 -2.07
C LEU B 532 13.00 -22.37 -1.02
N TRP B 533 11.81 -22.96 -1.16
CA TRP B 533 10.82 -22.85 -0.09
C TRP B 533 11.33 -23.54 1.16
N ILE B 534 11.92 -24.74 0.98
CA ILE B 534 12.41 -25.56 2.09
C ILE B 534 13.46 -24.83 2.91
N LEU B 535 14.35 -24.07 2.27
CA LEU B 535 15.43 -23.44 3.04
C LEU B 535 14.92 -22.57 4.19
N PRO B 536 14.15 -21.49 3.97
CA PRO B 536 13.65 -20.70 5.11
C PRO B 536 12.54 -21.39 5.88
N ALA B 537 11.80 -22.31 5.25
CA ALA B 537 10.69 -22.99 5.90
C ALA B 537 11.11 -23.85 7.08
N PHE B 538 12.31 -24.43 7.05
CA PHE B 538 12.80 -25.30 8.11
C PHE B 538 13.78 -24.64 9.07
N GLY B 539 13.90 -23.31 9.04
CA GLY B 539 14.76 -22.58 9.97
C GLY B 539 16.05 -22.01 9.42
N CYS B 540 16.38 -22.26 8.15
CA CYS B 540 17.62 -21.74 7.59
C CYS B 540 17.34 -20.33 7.06
N ARG B 541 17.36 -19.38 7.98
CA ARG B 541 17.06 -17.97 7.71
C ARG B 541 18.21 -17.09 8.19
N PRO B 542 19.40 -17.24 7.58
CA PRO B 542 20.57 -16.48 8.06
C PRO B 542 20.49 -15.00 7.80
N GLN B 543 19.53 -14.53 6.99
CA GLN B 543 19.45 -13.10 6.66
C GLN B 543 19.29 -12.24 7.89
N TYR B 544 18.69 -12.77 8.96
CA TYR B 544 18.46 -11.99 10.16
C TYR B 544 19.76 -11.64 10.86
N ASP B 545 20.81 -12.42 10.63
CA ASP B 545 22.11 -12.24 11.28
C ASP B 545 23.13 -11.50 10.42
N ASN B 546 22.71 -10.93 9.28
CA ASN B 546 23.65 -10.25 8.39
C ASN B 546 24.40 -9.14 9.13
N PRO B 547 25.74 -9.12 9.08
CA PRO B 547 26.47 -8.06 9.80
C PRO B 547 26.35 -6.66 9.20
N LEU B 548 25.93 -6.52 7.94
CA LEU B 548 25.89 -5.22 7.27
C LEU B 548 24.49 -4.63 7.16
N GLU B 549 23.50 -5.43 6.77
CA GLU B 549 22.15 -4.90 6.63
C GLU B 549 21.56 -4.47 7.97
N ASN B 550 22.07 -5.03 9.07
CA ASN B 550 21.59 -4.65 10.40
C ASN B 550 22.28 -3.40 10.93
N GLU B 551 23.23 -2.83 10.17
CA GLU B 551 23.90 -1.58 10.51
C GLU B 551 23.40 -0.42 9.67
N THR B 552 23.16 -0.67 8.38
CA THR B 552 22.67 0.38 7.49
C THR B 552 21.24 0.76 7.86
N PHE B 553 20.39 -0.24 8.10
CA PHE B 553 18.99 -0.03 8.43
C PHE B 553 18.68 -0.22 9.91
N GLY B 554 19.60 -0.79 10.67
CA GLY B 554 19.36 -1.13 12.05
C GLY B 554 18.71 -2.49 12.18
N THR B 555 18.72 -3.01 13.40
CA THR B 555 18.16 -4.34 13.60
C THR B 555 16.65 -4.35 13.51
N SER B 556 15.98 -3.28 13.94
CA SER B 556 14.52 -3.29 13.93
C SER B 556 13.99 -3.21 12.51
N VAL B 557 14.65 -2.43 11.66
CA VAL B 557 14.19 -2.30 10.29
C VAL B 557 14.56 -3.53 9.49
N TRP B 558 15.79 -4.02 9.63
CA TRP B 558 16.16 -5.20 8.85
C TRP B 558 15.28 -6.37 9.26
N THR B 559 15.05 -6.52 10.58
CA THR B 559 14.24 -7.61 11.07
C THR B 559 12.82 -7.51 10.53
N THR B 560 12.22 -6.31 10.55
CA THR B 560 10.85 -6.22 10.04
C THR B 560 10.80 -6.47 8.53
N VAL B 561 11.79 -5.96 7.78
CA VAL B 561 11.81 -6.19 6.34
C VAL B 561 11.85 -7.69 6.06
N LEU B 562 12.67 -8.42 6.82
CA LEU B 562 12.68 -9.87 6.66
C LEU B 562 11.39 -10.52 7.17
N ASN B 563 10.79 -9.98 8.23
CA ASN B 563 9.56 -10.57 8.73
C ASN B 563 8.45 -10.44 7.69
N VAL B 564 8.54 -9.42 6.85
CA VAL B 564 7.60 -9.28 5.74
C VAL B 564 8.00 -10.20 4.58
N ALA B 565 9.26 -10.11 4.14
CA ALA B 565 9.73 -10.83 2.94
C ALA B 565 9.74 -12.34 3.08
N ILE B 566 10.18 -12.89 4.22
CA ILE B 566 10.31 -14.35 4.35
C ILE B 566 8.96 -15.05 4.23
N PRO B 567 7.92 -14.70 4.98
CA PRO B 567 6.66 -15.43 4.78
C PRO B 567 6.05 -15.14 3.42
N LEU B 568 6.35 -13.98 2.86
CA LEU B 568 5.93 -13.71 1.48
C LEU B 568 6.74 -14.55 0.53
N ASN B 569 8.01 -14.77 0.82
CA ASN B 569 8.84 -15.58 -0.05
C ASN B 569 8.38 -17.04 0.01
N LEU B 570 7.95 -17.49 1.18
CA LEU B 570 7.45 -18.86 1.29
C LEU B 570 6.17 -19.03 0.50
N PHE B 571 5.30 -18.02 0.58
CA PHE B 571 4.06 -18.04 -0.17
C PHE B 571 4.38 -18.09 -1.66
N TYR B 572 5.22 -17.18 -2.12
CA TYR B 572 5.53 -17.07 -3.54
C TYR B 572 6.18 -18.35 -4.04
N ARG B 573 7.03 -18.97 -3.23
CA ARG B 573 7.76 -20.15 -3.68
C ARG B 573 6.88 -21.39 -3.69
N MET B 574 5.73 -21.37 -3.00
CA MET B 574 4.78 -22.48 -3.11
C MET B 574 3.67 -22.18 -4.11
N HIS B 575 3.33 -20.91 -4.28
CA HIS B 575 2.46 -20.50 -5.38
C HIS B 575 3.08 -20.93 -6.70
N SER B 576 4.33 -20.49 -6.94
CA SER B 576 5.01 -20.81 -8.18
C SER B 576 5.05 -22.31 -8.39
N VAL B 577 5.20 -23.08 -7.31
CA VAL B 577 5.27 -24.53 -7.41
C VAL B 577 3.93 -25.10 -7.86
N ALA B 578 2.82 -24.51 -7.39
CA ALA B 578 1.52 -24.96 -7.84
C ALA B 578 1.26 -24.58 -9.29
N SER B 579 1.67 -23.38 -9.68
CA SER B 579 1.44 -22.96 -11.07
C SER B 579 2.33 -23.76 -12.01
N LEU B 580 3.57 -24.01 -11.62
CA LEU B 580 4.46 -24.79 -12.47
C LEU B 580 3.96 -26.23 -12.57
N PHE B 581 3.38 -26.76 -11.48
CA PHE B 581 2.83 -28.10 -11.51
C PHE B 581 1.69 -28.18 -12.52
N GLU B 582 0.78 -27.20 -12.47
CA GLU B 582 -0.33 -27.19 -13.42
C GLU B 582 0.18 -27.08 -14.85
N VAL B 583 1.17 -26.21 -15.09
CA VAL B 583 1.71 -26.05 -16.44
C VAL B 583 2.35 -27.34 -16.91
N PHE B 584 3.11 -27.99 -16.02
CA PHE B 584 3.77 -29.26 -16.34
C PHE B 584 2.76 -30.33 -16.73
N ARG B 585 1.69 -30.50 -15.94
CA ARG B 585 0.72 -31.54 -16.25
C ARG B 585 0.10 -31.34 -17.62
N LYS B 586 -0.19 -30.08 -17.99
CA LYS B 586 -0.77 -29.75 -19.29
C LYS B 586 0.28 -29.12 -20.20
#